data_4DVX
#
_entry.id   4DVX
#
_cell.length_a   64.610
_cell.length_b   68.295
_cell.length_c   93.956
_cell.angle_alpha   90.00
_cell.angle_beta   91.47
_cell.angle_gamma   90.00
#
_symmetry.space_group_name_H-M   'P 1 21 1'
#
loop_
_entity.id
_entity.type
_entity.pdbx_description
1 polymer 'clade A/E 93TH057 HIV-1 gp120 core'
2 non-polymer 2-acetamido-2-deoxy-beta-D-glucopyranose
3 non-polymer "N-(4-chloro-3-fluorophenyl)-N'-{[(3R)-1-cyclopropylpyrrolidin-3-yl]methyl}ethanediamide"
4 non-polymer '4-(2-HYDROXYETHYL)-1-PIPERAZINE ETHANESULFONIC ACID'
5 water water
#
_entity_poly.entity_id   1
_entity_poly.type   'polypeptide(L)'
_entity_poly.pdbx_seq_one_letter_code
;VWKDADTTLFCASDAKAHETEVHNVWATHACVPTDPNPQEIHLENVTENFNMWKNNMVEQMQEDVISLWDQSLQPCVKLT
GGSVIKQACPKISFDPIPIHYCTPAGYVILKCNDKNFNGTGPCKNVSSVQCTHGIKPVVSTQLLLNGSLAEEEIIIRSEN
LTNNAKTIIVHLNKSVEINCTRPSNGGSGSGGDIRKAYCEINGTKWNKVLKQVTEKLKEHFNNKTIIFQPPSGGDLEITM
HSFNCRGEFFYCNTTQLFNNTCIGNETMKGCNGTITLPCKIKQIINMWQGTGQAMYAPPIDGKINCVSNITGILLTRDGG
ANNTSNETFRPGGGNIKDNWRSELYKYKVVQIE
;
_entity_poly.pdbx_strand_id   A,B
#
# COMPACT_ATOMS: atom_id res chain seq x y z
N VAL A 1 -6.40 -23.18 -31.15
CA VAL A 1 -6.94 -23.30 -29.80
C VAL A 1 -5.92 -23.93 -28.86
N TRP A 2 -5.98 -23.56 -27.59
CA TRP A 2 -5.04 -24.07 -26.60
C TRP A 2 -5.67 -24.17 -25.21
N LYS A 3 -4.92 -24.77 -24.29
CA LYS A 3 -5.38 -24.93 -22.91
C LYS A 3 -4.18 -25.02 -21.97
N ASP A 4 -4.36 -24.54 -20.74
CA ASP A 4 -3.30 -24.63 -19.74
C ASP A 4 -2.87 -26.07 -19.54
N ALA A 5 -1.56 -26.32 -19.56
CA ALA A 5 -1.04 -27.67 -19.41
C ALA A 5 0.39 -27.66 -18.88
N ASP A 6 0.80 -28.80 -18.32
CA ASP A 6 2.16 -28.95 -17.80
C ASP A 6 2.91 -30.03 -18.56
N THR A 7 4.06 -29.68 -19.10
CA THR A 7 4.91 -30.63 -19.81
C THR A 7 6.37 -30.43 -19.46
N THR A 8 7.19 -31.45 -19.70
CA THR A 8 8.61 -31.36 -19.42
C THR A 8 9.28 -30.39 -20.38
N LEU A 9 9.77 -29.28 -19.85
CA LEU A 9 10.43 -28.25 -20.66
C LEU A 9 11.89 -28.61 -20.90
N PHE A 10 12.50 -27.93 -21.86
CA PHE A 10 13.93 -28.06 -22.10
C PHE A 10 14.58 -26.69 -22.08
N CYS A 11 15.86 -26.64 -21.72
CA CYS A 11 16.55 -25.37 -21.57
C CYS A 11 17.46 -25.06 -22.75
N ALA A 12 17.82 -23.78 -22.90
CA ALA A 12 18.71 -23.33 -23.95
C ALA A 12 19.63 -22.24 -23.41
N SER A 13 20.89 -22.27 -23.80
CA SER A 13 21.86 -21.29 -23.32
C SER A 13 22.98 -21.06 -24.33
N ASP A 14 23.87 -20.13 -24.00
CA ASP A 14 25.02 -19.82 -24.85
C ASP A 14 26.31 -20.23 -24.15
N ALA A 15 26.22 -21.25 -23.30
CA ALA A 15 27.37 -21.72 -22.53
C ALA A 15 28.55 -22.10 -23.43
N LYS A 16 29.76 -21.85 -22.95
CA LYS A 16 30.97 -22.20 -23.68
C LYS A 16 31.39 -23.63 -23.32
N ALA A 17 31.66 -24.42 -24.34
CA ALA A 17 32.01 -25.83 -24.14
C ALA A 17 33.40 -26.01 -23.56
N HIS A 18 34.18 -24.92 -23.51
CA HIS A 18 35.54 -24.98 -23.01
C HIS A 18 35.68 -24.39 -21.61
N GLU A 19 34.64 -23.69 -21.16
CA GLU A 19 34.65 -23.08 -19.84
C GLU A 19 34.58 -24.13 -18.73
N THR A 20 35.39 -23.92 -17.69
CA THR A 20 35.39 -24.81 -16.53
C THR A 20 34.37 -24.35 -15.51
N GLU A 21 33.76 -23.18 -15.77
CA GLU A 21 32.76 -22.62 -14.88
C GLU A 21 31.57 -23.57 -14.77
N VAL A 22 31.16 -23.88 -13.54
CA VAL A 22 30.14 -24.89 -13.29
C VAL A 22 28.87 -24.71 -14.11
N HIS A 23 28.39 -23.48 -14.20
CA HIS A 23 27.16 -23.19 -14.94
C HIS A 23 27.31 -23.52 -16.42
N ASN A 24 28.41 -23.05 -17.01
CA ASN A 24 28.69 -23.34 -18.41
C ASN A 24 28.80 -24.82 -18.68
N VAL A 25 29.43 -25.54 -17.76
CA VAL A 25 29.60 -26.99 -17.88
C VAL A 25 28.26 -27.71 -17.86
N TRP A 26 27.38 -27.27 -16.95
CA TRP A 26 26.07 -27.89 -16.80
C TRP A 26 25.20 -27.67 -18.04
N ALA A 27 25.07 -26.42 -18.45
CA ALA A 27 24.25 -26.07 -19.61
C ALA A 27 24.77 -26.73 -20.88
N THR A 28 26.07 -26.99 -20.92
CA THR A 28 26.70 -27.62 -22.08
C THR A 28 26.24 -29.06 -22.26
N HIS A 29 25.88 -29.71 -21.15
CA HIS A 29 25.45 -31.10 -21.20
C HIS A 29 23.96 -31.26 -20.94
N ALA A 30 23.28 -30.18 -20.58
CA ALA A 30 21.87 -30.23 -20.22
C ALA A 30 20.98 -29.31 -21.06
N CYS A 31 21.61 -28.40 -21.80
CA CYS A 31 20.86 -27.44 -22.61
C CYS A 31 21.29 -27.48 -24.07
N VAL A 32 20.58 -26.72 -24.90
CA VAL A 32 20.91 -26.61 -26.33
C VAL A 32 21.14 -25.16 -26.70
N PRO A 33 21.78 -24.93 -27.86
CA PRO A 33 22.05 -23.57 -28.35
C PRO A 33 20.76 -22.75 -28.42
N THR A 34 20.87 -21.45 -28.19
CA THR A 34 19.72 -20.56 -28.25
C THR A 34 19.39 -20.20 -29.69
N ASP A 35 18.13 -19.85 -29.93
CA ASP A 35 17.69 -19.46 -31.27
C ASP A 35 18.04 -18.00 -31.51
N PRO A 36 18.88 -17.74 -32.53
CA PRO A 36 19.31 -16.38 -32.86
C PRO A 36 18.16 -15.51 -33.34
N ASN A 37 17.19 -16.13 -34.03
CA ASN A 37 16.02 -15.42 -34.50
C ASN A 37 14.73 -16.03 -33.97
N PRO A 38 14.47 -15.83 -32.66
CA PRO A 38 13.28 -16.37 -32.00
C PRO A 38 12.01 -15.70 -32.49
N GLN A 39 10.94 -16.48 -32.66
CA GLN A 39 9.67 -15.97 -33.13
C GLN A 39 8.76 -15.62 -31.94
N GLU A 40 7.99 -14.55 -32.10
CA GLU A 40 7.04 -14.13 -31.07
C GLU A 40 5.77 -13.58 -31.69
N ILE A 41 4.67 -14.31 -31.53
CA ILE A 41 3.39 -13.89 -32.08
C ILE A 41 2.57 -13.16 -31.03
N HIS A 42 2.19 -11.92 -31.34
CA HIS A 42 1.37 -11.13 -30.43
C HIS A 42 -0.12 -11.39 -30.65
N LEU A 43 -0.78 -11.88 -29.61
CA LEU A 43 -2.20 -12.21 -29.68
C LEU A 43 -3.06 -10.99 -29.41
N GLU A 44 -3.82 -10.56 -30.42
CA GLU A 44 -4.70 -9.41 -30.28
C GLU A 44 -6.07 -9.82 -29.77
N ASN A 45 -6.68 -8.96 -28.96
CA ASN A 45 -8.01 -9.22 -28.39
C ASN A 45 -8.08 -10.58 -27.71
N VAL A 46 -6.99 -10.97 -27.04
CA VAL A 46 -6.94 -12.24 -26.34
C VAL A 46 -6.63 -12.06 -24.87
N THR A 47 -7.54 -12.53 -24.01
CA THR A 47 -7.35 -12.44 -22.57
C THR A 47 -6.91 -13.77 -21.98
N GLU A 48 -5.83 -13.75 -21.21
CA GLU A 48 -5.31 -14.95 -20.57
C GLU A 48 -5.10 -14.74 -19.08
N ASN A 49 -5.49 -15.72 -18.28
CA ASN A 49 -5.29 -15.66 -16.84
C ASN A 49 -3.98 -16.31 -16.41
N PHE A 50 -3.18 -15.57 -15.65
CA PHE A 50 -1.90 -16.08 -15.16
C PHE A 50 -1.92 -16.26 -13.64
N ASN A 51 -1.02 -17.09 -13.14
CA ASN A 51 -0.90 -17.32 -11.71
C ASN A 51 0.52 -17.75 -11.34
N MET A 52 1.39 -16.77 -11.17
CA MET A 52 2.80 -17.01 -10.88
C MET A 52 3.01 -17.91 -9.68
N TRP A 53 2.04 -17.93 -8.77
CA TRP A 53 2.18 -18.68 -7.52
C TRP A 53 1.80 -20.16 -7.67
N LYS A 54 1.25 -20.50 -8.83
CA LYS A 54 0.95 -21.89 -9.14
C LYS A 54 1.43 -22.21 -10.56
N ASN A 55 2.74 -22.10 -10.76
CA ASN A 55 3.33 -22.28 -12.09
C ASN A 55 4.37 -23.39 -12.10
N ASN A 56 4.07 -24.47 -12.80
CA ASN A 56 4.96 -25.63 -12.84
C ASN A 56 6.34 -25.29 -13.38
N MET A 57 6.43 -24.23 -14.17
CA MET A 57 7.71 -23.77 -14.70
C MET A 57 8.69 -23.51 -13.56
N VAL A 58 8.17 -22.94 -12.48
CA VAL A 58 8.98 -22.64 -11.31
C VAL A 58 9.57 -23.92 -10.69
N GLU A 59 8.72 -24.94 -10.55
CA GLU A 59 9.16 -26.20 -9.99
C GLU A 59 10.28 -26.83 -10.83
N GLN A 60 10.16 -26.72 -12.15
CA GLN A 60 11.13 -27.32 -13.05
C GLN A 60 12.49 -26.63 -12.99
N MET A 61 12.49 -25.30 -13.01
CA MET A 61 13.73 -24.54 -12.90
C MET A 61 14.40 -24.83 -11.56
N GLN A 62 13.58 -24.98 -10.52
CA GLN A 62 14.06 -25.35 -9.20
C GLN A 62 14.79 -26.69 -9.28
N GLU A 63 14.25 -27.60 -10.08
CA GLU A 63 14.83 -28.93 -10.23
C GLU A 63 16.19 -28.88 -10.93
N ASP A 64 16.32 -27.99 -11.91
CA ASP A 64 17.58 -27.82 -12.62
C ASP A 64 18.66 -27.27 -11.69
N VAL A 65 18.35 -26.17 -11.03
CA VAL A 65 19.31 -25.51 -10.14
C VAL A 65 19.79 -26.45 -9.05
N ILE A 66 18.88 -27.26 -8.53
CA ILE A 66 19.23 -28.27 -7.53
C ILE A 66 20.22 -29.27 -8.12
N SER A 67 19.91 -29.73 -9.33
CA SER A 67 20.79 -30.66 -10.03
C SER A 67 22.15 -30.03 -10.29
N LEU A 68 22.14 -28.79 -10.77
CA LEU A 68 23.36 -28.06 -11.07
C LEU A 68 24.24 -27.93 -9.83
N TRP A 69 23.62 -27.67 -8.69
CA TRP A 69 24.36 -27.51 -7.43
C TRP A 69 24.85 -28.84 -6.88
N ASP A 70 24.11 -29.90 -7.13
CA ASP A 70 24.50 -31.23 -6.67
C ASP A 70 25.71 -31.75 -7.44
N GLN A 71 25.88 -31.27 -8.66
CA GLN A 71 26.95 -31.71 -9.53
C GLN A 71 28.15 -30.77 -9.48
N SER A 72 27.92 -29.54 -9.04
CA SER A 72 28.97 -28.53 -9.05
C SER A 72 29.44 -28.16 -7.64
N LEU A 73 28.50 -28.00 -6.71
CA LEU A 73 28.83 -27.57 -5.37
C LEU A 73 28.59 -28.65 -4.33
N GLN A 74 29.39 -29.72 -4.38
CA GLN A 74 29.31 -30.78 -3.38
C GLN A 74 30.23 -30.44 -2.21
N PRO A 75 29.65 -30.35 -1.00
CA PRO A 75 30.39 -29.98 0.21
C PRO A 75 31.28 -31.12 0.70
N CYS A 76 32.22 -30.79 1.58
CA CYS A 76 33.10 -31.79 2.17
C CYS A 76 32.31 -32.71 3.09
N VAL A 77 31.43 -32.12 3.88
CA VAL A 77 30.59 -32.86 4.80
C VAL A 77 29.13 -32.47 4.67
N LYS A 78 28.28 -33.44 4.34
CA LYS A 78 26.85 -33.19 4.18
C LYS A 78 26.06 -33.85 5.30
N LEU A 79 25.31 -33.04 6.04
CA LEU A 79 24.50 -33.54 7.15
C LEU A 79 23.02 -33.50 6.81
N THR A 80 22.47 -34.65 6.44
CA THR A 80 21.07 -34.73 6.04
C THR A 80 20.43 -36.05 6.46
N GLY A 81 19.20 -35.96 6.97
CA GLY A 81 18.46 -37.14 7.37
C GLY A 81 19.18 -37.97 8.41
N GLY A 82 19.96 -37.31 9.27
CA GLY A 82 20.71 -38.01 10.30
C GLY A 82 21.94 -38.70 9.74
N SER A 83 22.07 -38.69 8.42
CA SER A 83 23.20 -39.33 7.76
C SER A 83 24.35 -38.34 7.57
N VAL A 84 25.57 -38.85 7.59
CA VAL A 84 26.76 -38.02 7.40
C VAL A 84 27.53 -38.43 6.16
N ILE A 85 27.54 -37.58 5.15
CA ILE A 85 28.22 -37.86 3.90
C ILE A 85 29.49 -37.03 3.76
N LYS A 86 30.63 -37.70 3.63
CA LYS A 86 31.91 -37.02 3.47
C LYS A 86 32.46 -37.21 2.06
N GLN A 87 32.82 -36.10 1.42
CA GLN A 87 33.34 -36.14 0.06
C GLN A 87 34.38 -35.05 -0.17
N ALA A 88 34.90 -34.97 -1.39
CA ALA A 88 35.90 -33.97 -1.74
C ALA A 88 35.24 -32.60 -1.92
N CYS A 89 35.97 -31.55 -1.56
CA CYS A 89 35.45 -30.18 -1.63
C CYS A 89 36.37 -29.28 -2.44
N PRO A 90 36.60 -29.62 -3.71
CA PRO A 90 37.49 -28.84 -4.57
C PRO A 90 36.89 -27.48 -4.92
N LYS A 91 37.72 -26.43 -4.85
CA LYS A 91 37.27 -25.09 -5.21
C LYS A 91 36.96 -25.03 -6.70
N ILE A 92 35.86 -24.36 -7.04
CA ILE A 92 35.40 -24.29 -8.43
C ILE A 92 35.30 -22.86 -8.92
N SER A 93 35.00 -22.70 -10.20
CA SER A 93 34.72 -21.40 -10.79
C SER A 93 33.22 -21.20 -10.86
N PHE A 94 32.71 -20.19 -10.17
CA PHE A 94 31.28 -20.00 -10.03
C PHE A 94 30.81 -18.64 -10.52
N ASP A 95 29.88 -18.66 -11.47
CA ASP A 95 29.29 -17.43 -12.01
C ASP A 95 28.10 -17.76 -12.89
N PRO A 96 26.89 -17.56 -12.36
CA PRO A 96 25.62 -17.91 -13.03
C PRO A 96 25.52 -17.32 -14.43
N ILE A 97 24.89 -18.07 -15.34
CA ILE A 97 24.65 -17.59 -16.69
C ILE A 97 23.16 -17.68 -17.03
N PRO A 98 22.70 -16.87 -17.99
CA PRO A 98 21.30 -16.86 -18.40
C PRO A 98 20.85 -18.21 -18.93
N ILE A 99 19.72 -18.70 -18.44
CA ILE A 99 19.16 -19.97 -18.89
C ILE A 99 17.75 -19.79 -19.43
N HIS A 100 17.55 -20.14 -20.69
CA HIS A 100 16.23 -20.04 -21.31
C HIS A 100 15.44 -21.32 -21.13
N TYR A 101 14.14 -21.19 -20.88
CA TYR A 101 13.26 -22.35 -20.76
C TYR A 101 12.25 -22.39 -21.90
N CYS A 102 12.21 -23.51 -22.59
CA CYS A 102 11.41 -23.62 -23.81
C CYS A 102 10.40 -24.77 -23.72
N THR A 103 9.46 -24.78 -24.65
CA THR A 103 8.45 -25.83 -24.72
C THR A 103 8.64 -26.68 -25.96
N PRO A 104 8.35 -27.99 -25.86
CA PRO A 104 8.47 -28.92 -26.98
C PRO A 104 7.32 -28.74 -27.98
N ALA A 105 7.32 -29.54 -29.03
CA ALA A 105 6.26 -29.47 -30.04
C ALA A 105 4.89 -29.71 -29.41
N GLY A 106 3.87 -29.06 -29.95
CA GLY A 106 2.52 -29.20 -29.44
C GLY A 106 2.25 -28.28 -28.28
N TYR A 107 3.30 -27.70 -27.72
CA TYR A 107 3.17 -26.77 -26.60
C TYR A 107 3.80 -25.43 -26.93
N VAL A 108 3.28 -24.37 -26.32
CA VAL A 108 3.79 -23.02 -26.53
C VAL A 108 3.66 -22.19 -25.26
N ILE A 109 4.65 -21.34 -25.00
CA ILE A 109 4.64 -20.50 -23.81
C ILE A 109 3.94 -19.17 -24.08
N LEU A 110 2.96 -18.84 -23.24
CA LEU A 110 2.28 -17.56 -23.35
C LEU A 110 2.93 -16.53 -22.43
N LYS A 111 3.13 -15.33 -22.94
CA LYS A 111 3.83 -14.28 -22.21
C LYS A 111 2.98 -13.03 -22.04
N CYS A 112 2.76 -12.62 -20.79
CA CYS A 112 2.00 -11.42 -20.51
C CYS A 112 2.88 -10.18 -20.68
N ASN A 113 2.39 -9.22 -21.46
CA ASN A 113 3.17 -8.02 -21.76
C ASN A 113 2.56 -6.74 -21.20
N ASP A 114 1.75 -6.87 -20.15
CA ASP A 114 1.19 -5.71 -19.48
C ASP A 114 2.25 -5.06 -18.59
N LYS A 115 2.54 -3.79 -18.84
CA LYS A 115 3.62 -3.09 -18.15
C LYS A 115 3.57 -3.23 -16.63
N ASN A 116 2.38 -3.14 -16.05
CA ASN A 116 2.24 -3.20 -14.61
C ASN A 116 1.57 -4.50 -14.12
N PHE A 117 1.80 -5.59 -14.85
CA PHE A 117 1.27 -6.88 -14.46
C PHE A 117 1.90 -7.34 -13.15
N ASN A 118 1.06 -7.88 -12.26
CA ASN A 118 1.52 -8.25 -10.93
C ASN A 118 1.61 -9.76 -10.68
N GLY A 119 1.46 -10.55 -11.75
CA GLY A 119 1.64 -11.98 -11.65
C GLY A 119 0.36 -12.79 -11.55
N THR A 120 -0.72 -12.14 -11.17
CA THR A 120 -2.01 -12.83 -11.02
C THR A 120 -3.14 -12.03 -11.64
N GLY A 121 -4.05 -12.74 -12.32
CA GLY A 121 -5.19 -12.12 -12.95
C GLY A 121 -5.13 -12.21 -14.46
N PRO A 122 -6.06 -11.53 -15.15
CA PRO A 122 -6.11 -11.53 -16.61
C PRO A 122 -5.03 -10.64 -17.23
N CYS A 123 -4.55 -11.03 -18.40
CA CYS A 123 -3.54 -10.25 -19.11
C CYS A 123 -4.06 -9.82 -20.48
N LYS A 124 -4.12 -8.52 -20.71
CA LYS A 124 -4.66 -7.98 -21.95
C LYS A 124 -3.73 -8.27 -23.14
N ASN A 125 -2.52 -7.71 -23.09
CA ASN A 125 -1.56 -7.90 -24.17
C ASN A 125 -0.72 -9.16 -23.97
N VAL A 126 -1.09 -10.23 -24.68
CA VAL A 126 -0.39 -11.51 -24.56
C VAL A 126 0.27 -11.92 -25.86
N SER A 127 1.44 -12.54 -25.75
CA SER A 127 2.16 -13.03 -26.92
C SER A 127 2.62 -14.46 -26.71
N SER A 128 2.91 -15.16 -27.80
CA SER A 128 3.37 -16.54 -27.72
C SER A 128 4.84 -16.65 -28.10
N VAL A 129 5.60 -17.39 -27.31
CA VAL A 129 7.02 -17.59 -27.56
C VAL A 129 7.43 -19.03 -27.29
N GLN A 130 8.52 -19.46 -27.92
CA GLN A 130 9.01 -20.82 -27.74
C GLN A 130 9.85 -20.92 -26.46
N CYS A 131 10.55 -19.84 -26.13
CA CYS A 131 11.43 -19.83 -24.97
C CYS A 131 11.26 -18.55 -24.15
N THR A 132 11.57 -18.64 -22.86
CA THR A 132 11.57 -17.48 -21.99
C THR A 132 12.87 -16.69 -22.20
N HIS A 133 13.00 -15.58 -21.50
CA HIS A 133 14.22 -14.79 -21.57
C HIS A 133 15.34 -15.47 -20.78
N GLY A 134 16.57 -15.02 -20.98
CA GLY A 134 17.71 -15.57 -20.28
C GLY A 134 17.66 -15.27 -18.79
N ILE A 135 17.46 -16.31 -17.99
CA ILE A 135 17.35 -16.15 -16.55
C ILE A 135 18.52 -16.78 -15.81
N LYS A 136 19.18 -16.00 -14.96
CA LYS A 136 20.30 -16.49 -14.16
C LYS A 136 19.80 -17.14 -12.88
N PRO A 137 20.24 -18.38 -12.62
CA PRO A 137 19.86 -19.10 -11.41
C PRO A 137 20.55 -18.53 -10.17
N VAL A 138 20.38 -17.22 -9.94
CA VAL A 138 21.00 -16.56 -8.80
C VAL A 138 20.29 -16.90 -7.50
N VAL A 139 20.98 -17.63 -6.62
CA VAL A 139 20.41 -18.02 -5.34
C VAL A 139 20.79 -17.02 -4.26
N SER A 140 19.78 -16.47 -3.57
CA SER A 140 20.02 -15.49 -2.52
C SER A 140 18.77 -15.30 -1.66
N THR A 141 18.93 -14.56 -0.57
CA THR A 141 17.82 -14.25 0.32
C THR A 141 17.72 -12.74 0.55
N GLN A 142 16.55 -12.29 0.99
CA GLN A 142 16.32 -10.88 1.27
C GLN A 142 16.36 -10.03 0.01
N LEU A 143 17.50 -9.99 -0.65
CA LEU A 143 17.68 -9.16 -1.84
C LEU A 143 17.82 -10.01 -3.09
N LEU A 144 17.03 -9.69 -4.11
CA LEU A 144 17.14 -10.36 -5.40
C LEU A 144 18.20 -9.67 -6.24
N LEU A 145 19.12 -10.46 -6.79
CA LEU A 145 20.28 -9.91 -7.48
C LEU A 145 20.31 -10.26 -8.97
N ASN A 146 20.86 -9.36 -9.76
CA ASN A 146 21.06 -9.59 -11.20
C ASN A 146 19.82 -10.11 -11.91
N GLY A 147 18.65 -9.68 -11.46
CA GLY A 147 17.40 -10.08 -12.09
C GLY A 147 16.92 -9.06 -13.11
N SER A 148 15.68 -9.22 -13.55
CA SER A 148 15.09 -8.28 -14.50
C SER A 148 14.36 -7.16 -13.76
N LEU A 149 14.31 -5.99 -14.37
CA LEU A 149 13.66 -4.83 -13.77
C LEU A 149 12.26 -4.61 -14.34
N ALA A 150 11.39 -4.04 -13.52
CA ALA A 150 10.06 -3.66 -13.98
C ALA A 150 10.18 -2.54 -15.01
N GLU A 151 9.39 -2.61 -16.07
CA GLU A 151 9.48 -1.65 -17.17
C GLU A 151 8.88 -0.29 -16.82
N GLU A 152 7.91 -0.27 -15.91
CA GLU A 152 7.26 0.97 -15.53
C GLU A 152 7.38 1.23 -14.03
N GLU A 153 6.29 1.01 -13.29
CA GLU A 153 6.28 1.25 -11.86
C GLU A 153 6.73 0.03 -11.07
N ILE A 154 7.19 0.27 -9.85
CA ILE A 154 7.55 -0.81 -8.95
C ILE A 154 6.33 -1.69 -8.69
N ILE A 155 6.50 -2.99 -8.80
CA ILE A 155 5.39 -3.92 -8.65
C ILE A 155 5.50 -4.76 -7.37
N ILE A 156 4.42 -4.77 -6.60
CA ILE A 156 4.35 -5.61 -5.41
C ILE A 156 3.66 -6.92 -5.76
N ARG A 157 4.31 -8.03 -5.43
CA ARG A 157 3.76 -9.35 -5.77
C ARG A 157 3.52 -10.19 -4.52
N SER A 158 2.38 -10.88 -4.51
CA SER A 158 2.03 -11.76 -3.39
C SER A 158 0.83 -12.63 -3.73
N GLU A 159 0.86 -13.88 -3.29
CA GLU A 159 -0.25 -14.79 -3.52
C GLU A 159 -1.47 -14.32 -2.75
N ASN A 160 -1.25 -13.51 -1.72
CA ASN A 160 -2.33 -13.01 -0.88
C ASN A 160 -1.82 -12.06 0.20
N LEU A 161 -1.72 -10.78 -0.15
CA LEU A 161 -1.22 -9.76 0.77
C LEU A 161 -1.89 -9.81 2.13
N THR A 162 -3.20 -10.05 2.14
CA THR A 162 -3.95 -10.10 3.38
C THR A 162 -3.39 -11.17 4.32
N ASN A 163 -2.69 -12.14 3.76
CA ASN A 163 -2.07 -13.20 4.55
C ASN A 163 -0.58 -12.94 4.76
N ASN A 164 -0.23 -12.57 5.99
CA ASN A 164 1.15 -12.21 6.32
C ASN A 164 2.12 -13.40 6.22
N ALA A 165 1.56 -14.61 6.15
CA ALA A 165 2.37 -15.81 6.03
C ALA A 165 2.92 -15.96 4.62
N LYS A 166 2.30 -15.27 3.67
CA LYS A 166 2.73 -15.32 2.28
C LYS A 166 3.83 -14.30 2.00
N THR A 167 4.93 -14.78 1.41
CA THR A 167 6.07 -13.93 1.11
C THR A 167 5.71 -12.86 0.08
N ILE A 168 6.27 -11.66 0.26
CA ILE A 168 6.05 -10.56 -0.66
C ILE A 168 7.26 -10.36 -1.55
N ILE A 169 7.02 -10.12 -2.84
CA ILE A 169 8.09 -9.88 -3.79
C ILE A 169 8.02 -8.46 -4.36
N VAL A 170 8.99 -7.63 -3.99
CA VAL A 170 9.05 -6.26 -4.50
C VAL A 170 9.90 -6.21 -5.76
N HIS A 171 9.27 -5.90 -6.89
CA HIS A 171 9.96 -5.83 -8.16
C HIS A 171 10.37 -4.40 -8.48
N LEU A 172 11.66 -4.11 -8.36
CA LEU A 172 12.18 -2.76 -8.57
C LEU A 172 12.18 -2.38 -10.05
N ASN A 173 12.04 -1.08 -10.32
CA ASN A 173 12.10 -0.58 -11.69
C ASN A 173 13.39 0.18 -11.95
N LYS A 174 14.28 0.16 -10.96
CA LYS A 174 15.59 0.80 -11.09
C LYS A 174 16.61 0.06 -10.23
N SER A 175 17.69 -0.39 -10.87
CA SER A 175 18.71 -1.18 -10.18
C SER A 175 19.49 -0.37 -9.16
N VAL A 176 19.96 -1.04 -8.11
CA VAL A 176 20.81 -0.41 -7.11
C VAL A 176 22.01 -1.31 -6.83
N GLU A 177 23.16 -0.93 -7.37
CA GLU A 177 24.36 -1.74 -7.25
C GLU A 177 24.77 -1.99 -5.80
N ILE A 178 25.17 -3.23 -5.52
CA ILE A 178 25.69 -3.59 -4.21
C ILE A 178 27.07 -4.23 -4.38
N ASN A 179 28.09 -3.54 -3.89
CA ASN A 179 29.47 -3.99 -4.08
C ASN A 179 30.01 -4.76 -2.87
N CYS A 180 30.10 -6.08 -3.01
CA CYS A 180 30.59 -6.93 -1.93
C CYS A 180 32.03 -7.36 -2.19
N THR A 181 32.87 -7.24 -1.17
CA THR A 181 34.28 -7.56 -1.32
C THR A 181 34.88 -8.23 -0.09
N ARG A 182 35.75 -9.20 -0.32
CA ARG A 182 36.52 -9.83 0.75
C ARG A 182 37.99 -9.55 0.51
N PRO A 183 38.52 -8.49 1.14
CA PRO A 183 39.88 -8.02 0.90
C PRO A 183 40.93 -9.07 1.25
N SER A 184 42.00 -9.13 0.47
CA SER A 184 43.08 -10.07 0.71
C SER A 184 44.03 -9.56 1.80
N ASN A 185 44.61 -8.40 1.57
CA ASN A 185 45.52 -7.78 2.52
C ASN A 185 45.49 -6.25 2.43
N GLY A 192 44.79 -11.56 9.37
CA GLY A 192 43.48 -11.06 9.77
C GLY A 192 42.40 -12.10 9.63
N ASP A 193 41.15 -11.64 9.59
CA ASP A 193 40.00 -12.54 9.47
C ASP A 193 39.68 -12.79 8.00
N ILE A 194 40.05 -13.96 7.50
CA ILE A 194 39.88 -14.29 6.10
C ILE A 194 38.41 -14.45 5.70
N ARG A 195 37.52 -14.41 6.69
CA ARG A 195 36.10 -14.57 6.43
C ARG A 195 35.33 -13.26 6.56
N LYS A 196 35.99 -12.25 7.12
CA LYS A 196 35.38 -10.94 7.28
C LYS A 196 35.29 -10.21 5.94
N ALA A 197 34.10 -9.76 5.60
CA ALA A 197 33.88 -9.04 4.34
C ALA A 197 32.88 -7.89 4.55
N TYR A 198 32.60 -7.18 3.47
CA TYR A 198 31.68 -6.05 3.55
C TYR A 198 31.03 -5.74 2.20
N CYS A 199 29.83 -5.16 2.24
CA CYS A 199 29.13 -4.75 1.03
C CYS A 199 28.85 -3.25 1.08
N GLU A 200 29.15 -2.56 -0.02
CA GLU A 200 28.93 -1.12 -0.09
C GLU A 200 27.76 -0.77 -1.01
N ILE A 201 26.84 0.04 -0.50
CA ILE A 201 25.70 0.49 -1.28
C ILE A 201 25.61 2.02 -1.25
N ASN A 202 25.15 2.60 -2.34
CA ASN A 202 24.94 4.05 -2.39
C ASN A 202 23.70 4.45 -1.60
N GLY A 203 23.92 4.98 -0.40
CA GLY A 203 22.83 5.35 0.48
C GLY A 203 21.76 6.20 -0.19
N THR A 204 22.20 7.31 -0.80
CA THR A 204 21.28 8.21 -1.48
C THR A 204 20.40 7.46 -2.47
N LYS A 205 21.02 6.58 -3.25
CA LYS A 205 20.32 5.83 -4.27
C LYS A 205 19.38 4.78 -3.65
N TRP A 206 19.82 4.16 -2.57
CA TRP A 206 19.04 3.13 -1.90
C TRP A 206 17.85 3.70 -1.14
N ASN A 207 18.12 4.72 -0.32
CA ASN A 207 17.08 5.37 0.47
C ASN A 207 15.93 5.87 -0.41
N LYS A 208 16.28 6.43 -1.56
CA LYS A 208 15.26 6.94 -2.48
C LYS A 208 14.40 5.81 -3.02
N VAL A 209 15.04 4.72 -3.42
CA VAL A 209 14.32 3.55 -3.91
C VAL A 209 13.42 2.96 -2.82
N LEU A 210 13.97 2.85 -1.61
CA LEU A 210 13.22 2.31 -0.49
C LEU A 210 12.02 3.19 -0.17
N LYS A 211 12.17 4.49 -0.42
CA LYS A 211 11.08 5.44 -0.23
C LYS A 211 9.98 5.20 -1.25
N GLN A 212 10.38 4.96 -2.50
CA GLN A 212 9.43 4.66 -3.56
C GLN A 212 8.70 3.36 -3.28
N VAL A 213 9.42 2.40 -2.71
CA VAL A 213 8.82 1.13 -2.32
C VAL A 213 7.79 1.36 -1.21
N THR A 214 8.13 2.26 -0.29
CA THR A 214 7.24 2.60 0.81
C THR A 214 5.91 3.16 0.30
N GLU A 215 6.00 4.21 -0.53
CA GLU A 215 4.81 4.83 -1.10
C GLU A 215 3.98 3.81 -1.87
N LYS A 216 4.66 2.88 -2.52
CA LYS A 216 3.99 1.84 -3.30
C LYS A 216 3.19 0.90 -2.39
N LEU A 217 3.78 0.55 -1.25
CA LEU A 217 3.11 -0.32 -0.28
C LEU A 217 1.88 0.36 0.32
N LYS A 218 1.90 1.68 0.39
CA LYS A 218 0.75 2.43 0.90
C LYS A 218 -0.49 2.19 0.03
N GLU A 219 -0.28 2.08 -1.28
CA GLU A 219 -1.38 1.86 -2.21
C GLU A 219 -2.04 0.51 -1.97
N HIS A 220 -1.28 -0.44 -1.42
CA HIS A 220 -1.78 -1.78 -1.20
C HIS A 220 -2.27 -2.00 0.23
N PHE A 221 -1.95 -1.08 1.12
CA PHE A 221 -2.35 -1.20 2.52
C PHE A 221 -3.11 0.01 3.04
N ASN A 222 -4.04 0.49 2.23
CA ASN A 222 -4.95 1.56 2.63
C ASN A 222 -4.26 2.76 3.27
N ASN A 223 -3.04 3.06 2.81
CA ASN A 223 -2.30 4.22 3.30
C ASN A 223 -1.84 4.11 4.74
N LYS A 224 -1.67 2.88 5.23
CA LYS A 224 -1.14 2.67 6.56
C LYS A 224 0.34 3.00 6.59
N THR A 225 0.82 3.53 7.71
CA THR A 225 2.22 3.88 7.87
C THR A 225 3.11 2.66 7.63
N ILE A 226 4.03 2.79 6.69
CA ILE A 226 4.90 1.67 6.33
C ILE A 226 6.23 1.73 7.07
N ILE A 227 6.50 0.71 7.88
CA ILE A 227 7.73 0.66 8.67
C ILE A 227 8.57 -0.55 8.29
N PHE A 228 9.87 -0.34 8.15
CA PHE A 228 10.81 -1.42 7.90
C PHE A 228 11.58 -1.79 9.16
N GLN A 229 11.85 -3.07 9.33
CA GLN A 229 12.59 -3.55 10.49
C GLN A 229 13.39 -4.80 10.16
N PRO A 230 14.54 -4.98 10.82
CA PRO A 230 15.38 -6.16 10.63
C PRO A 230 14.69 -7.40 11.19
N PRO A 231 14.97 -8.58 10.61
CA PRO A 231 14.37 -9.83 11.05
C PRO A 231 14.45 -10.01 12.56
N SER A 232 13.38 -10.51 13.16
CA SER A 232 13.34 -10.70 14.62
C SER A 232 14.08 -11.96 15.03
N GLY A 233 13.93 -13.02 14.23
CA GLY A 233 14.59 -14.28 14.52
C GLY A 233 14.72 -15.16 13.29
N GLY A 234 15.16 -16.40 13.49
CA GLY A 234 15.32 -17.34 12.40
C GLY A 234 16.78 -17.67 12.14
N ASP A 235 17.03 -18.49 11.12
CA ASP A 235 18.38 -18.88 10.76
C ASP A 235 19.14 -17.74 10.08
N LEU A 236 20.46 -17.85 10.07
CA LEU A 236 21.31 -16.80 9.51
C LEU A 236 21.03 -16.56 8.03
N GLU A 237 20.64 -17.61 7.31
CA GLU A 237 20.35 -17.50 5.89
C GLU A 237 19.16 -16.57 5.64
N ILE A 238 18.34 -16.38 6.66
CA ILE A 238 17.14 -15.56 6.54
C ILE A 238 17.30 -14.19 7.21
N THR A 239 17.86 -14.19 8.41
CA THR A 239 18.07 -12.95 9.16
C THR A 239 19.08 -12.06 8.46
N MET A 240 19.89 -12.65 7.59
CA MET A 240 20.91 -11.91 6.86
C MET A 240 20.80 -12.17 5.36
N HIS A 241 21.28 -11.21 4.57
CA HIS A 241 21.32 -11.37 3.12
C HIS A 241 22.37 -12.41 2.75
N SER A 242 21.92 -13.62 2.45
CA SER A 242 22.83 -14.70 2.06
C SER A 242 22.86 -14.87 0.54
N PHE A 243 24.06 -15.02 0.00
CA PHE A 243 24.24 -15.21 -1.43
C PHE A 243 25.59 -15.87 -1.70
N ASN A 244 25.78 -16.36 -2.93
CA ASN A 244 27.02 -17.01 -3.30
C ASN A 244 27.84 -16.16 -4.27
N CYS A 245 29.09 -15.90 -3.91
CA CYS A 245 29.97 -15.09 -4.73
C CYS A 245 31.28 -15.82 -5.01
N ARG A 246 31.55 -16.08 -6.29
CA ARG A 246 32.77 -16.76 -6.70
C ARG A 246 32.89 -18.15 -6.06
N GLY A 247 31.76 -18.69 -5.62
CA GLY A 247 31.73 -19.99 -4.98
C GLY A 247 31.71 -19.89 -3.47
N GLU A 248 31.94 -18.68 -2.96
CA GLU A 248 31.95 -18.45 -1.52
C GLU A 248 30.58 -17.99 -1.03
N PHE A 249 30.15 -18.53 0.11
CA PHE A 249 28.86 -18.17 0.68
C PHE A 249 28.96 -16.94 1.57
N PHE A 250 28.27 -15.87 1.18
CA PHE A 250 28.32 -14.61 1.90
C PHE A 250 27.06 -14.37 2.74
N TYR A 251 27.26 -14.01 4.01
CA TYR A 251 26.17 -13.64 4.88
C TYR A 251 26.36 -12.18 5.32
N CYS A 252 25.48 -11.31 4.85
CA CYS A 252 25.61 -9.89 5.11
C CYS A 252 24.54 -9.34 6.06
N ASN A 253 24.96 -8.49 6.99
CA ASN A 253 24.03 -7.88 7.93
C ASN A 253 23.32 -6.67 7.30
N THR A 254 22.02 -6.82 7.04
CA THR A 254 21.25 -5.77 6.39
C THR A 254 20.39 -5.00 7.39
N THR A 255 21.03 -4.44 8.41
CA THR A 255 20.32 -3.67 9.42
C THR A 255 20.33 -2.18 9.07
N GLN A 256 21.35 -1.76 8.33
CA GLN A 256 21.48 -0.35 7.92
C GLN A 256 20.58 -0.04 6.72
N LEU A 257 20.18 -1.09 5.99
CA LEU A 257 19.34 -0.93 4.83
C LEU A 257 17.87 -0.82 5.20
N PHE A 258 17.49 -1.48 6.28
CA PHE A 258 16.08 -1.55 6.66
C PHE A 258 15.75 -0.80 7.95
N ASN A 259 16.25 0.42 8.06
CA ASN A 259 15.86 1.32 9.14
C ASN A 259 15.12 2.53 8.56
N ASN A 260 14.25 3.13 9.38
CA ASN A 260 13.34 4.16 8.88
C ASN A 260 13.73 5.59 9.24
N THR A 261 15.03 5.82 9.41
CA THR A 261 15.53 7.16 9.74
C THR A 261 15.80 7.96 8.47
N CYS A 262 16.46 7.33 7.50
CA CYS A 262 16.82 7.99 6.26
C CYS A 262 15.66 7.99 5.26
N ILE A 263 14.51 8.51 5.68
CA ILE A 263 13.35 8.60 4.82
C ILE A 263 12.49 9.82 5.16
N ASN A 272 23.04 9.39 3.83
CA ASN A 272 23.14 9.70 2.41
C ASN A 272 24.54 9.44 1.85
N GLY A 273 25.39 8.83 2.66
CA GLY A 273 26.73 8.47 2.23
C GLY A 273 26.79 7.05 1.70
N THR A 274 27.94 6.40 1.89
CA THR A 274 28.10 5.02 1.45
C THR A 274 27.81 4.05 2.59
N ILE A 275 26.81 3.19 2.39
CA ILE A 275 26.43 2.21 3.40
C ILE A 275 27.33 0.98 3.33
N THR A 276 28.09 0.75 4.39
CA THR A 276 28.99 -0.40 4.45
C THR A 276 28.42 -1.49 5.34
N LEU A 277 27.95 -2.57 4.72
CA LEU A 277 27.36 -3.68 5.47
C LEU A 277 28.43 -4.68 5.91
N PRO A 278 28.43 -5.02 7.21
CA PRO A 278 29.36 -6.00 7.76
C PRO A 278 28.97 -7.42 7.34
N CYS A 279 29.79 -8.04 6.49
CA CYS A 279 29.51 -9.37 5.99
C CYS A 279 30.53 -10.39 6.50
N LYS A 280 30.26 -11.66 6.24
CA LYS A 280 31.14 -12.74 6.68
C LYS A 280 30.91 -14.01 5.87
N ILE A 281 32.00 -14.62 5.41
CA ILE A 281 31.92 -15.85 4.65
C ILE A 281 31.79 -17.05 5.58
N LYS A 282 30.74 -17.84 5.38
CA LYS A 282 30.51 -19.02 6.20
C LYS A 282 30.82 -20.30 5.42
N GLN A 283 31.41 -21.27 6.11
CA GLN A 283 31.72 -22.55 5.49
C GLN A 283 30.59 -23.54 5.74
N ILE A 284 29.96 -23.42 6.89
CA ILE A 284 28.81 -24.26 7.24
C ILE A 284 27.51 -23.54 6.90
N ILE A 285 26.74 -24.12 5.99
CA ILE A 285 25.51 -23.49 5.53
C ILE A 285 24.29 -24.39 5.68
N ASN A 286 23.14 -23.76 5.90
CA ASN A 286 21.87 -24.49 5.87
C ASN A 286 21.37 -24.57 4.43
N MET A 287 21.56 -25.72 3.81
CA MET A 287 21.23 -25.91 2.40
C MET A 287 19.83 -25.39 2.06
N TRP A 288 19.75 -24.63 0.98
CA TRP A 288 18.48 -24.09 0.51
C TRP A 288 17.60 -25.18 -0.10
N GLN A 289 18.24 -26.28 -0.49
CA GLN A 289 17.50 -27.43 -1.02
C GLN A 289 16.65 -28.06 0.07
N GLY A 290 16.89 -27.65 1.30
CA GLY A 290 16.14 -28.16 2.44
C GLY A 290 16.57 -29.55 2.84
N THR A 291 17.78 -29.93 2.48
CA THR A 291 18.30 -31.26 2.80
C THR A 291 18.89 -31.30 4.21
N GLY A 292 19.53 -30.21 4.62
CA GLY A 292 20.13 -30.12 5.93
C GLY A 292 21.29 -29.14 5.97
N GLN A 293 22.38 -29.54 6.61
CA GLN A 293 23.57 -28.70 6.72
C GLN A 293 24.69 -29.21 5.83
N ALA A 294 25.54 -28.30 5.37
CA ALA A 294 26.67 -28.66 4.52
C ALA A 294 27.88 -27.78 4.82
N MET A 295 29.06 -28.40 4.87
CA MET A 295 30.29 -27.65 5.13
C MET A 295 31.19 -27.59 3.90
N TYR A 296 31.70 -26.40 3.61
CA TYR A 296 32.60 -26.21 2.48
C TYR A 296 33.99 -25.80 2.95
N ALA A 297 34.97 -25.89 2.07
CA ALA A 297 36.34 -25.53 2.40
C ALA A 297 36.46 -24.03 2.64
N PRO A 298 37.51 -23.62 3.37
CA PRO A 298 37.80 -22.22 3.66
C PRO A 298 37.88 -21.37 2.39
N PRO A 299 37.71 -20.05 2.53
CA PRO A 299 37.75 -19.11 1.40
C PRO A 299 39.09 -19.16 0.67
N ILE A 300 39.06 -18.92 -0.63
CA ILE A 300 40.28 -18.81 -1.43
C ILE A 300 40.95 -17.48 -1.14
N ASP A 301 42.24 -17.38 -1.48
CA ASP A 301 42.98 -16.14 -1.27
C ASP A 301 42.74 -15.14 -2.40
N GLY A 302 43.07 -13.88 -2.15
CA GLY A 302 42.89 -12.83 -3.13
C GLY A 302 41.66 -11.98 -2.85
N LYS A 303 41.45 -10.97 -3.67
CA LYS A 303 40.31 -10.08 -3.52
C LYS A 303 39.03 -10.68 -4.11
N ILE A 304 38.19 -11.23 -3.24
CA ILE A 304 36.92 -11.80 -3.68
C ILE A 304 35.87 -10.70 -3.77
N ASN A 305 35.50 -10.34 -5.00
CA ASN A 305 34.58 -9.23 -5.21
C ASN A 305 33.48 -9.53 -6.24
N CYS A 306 32.26 -9.15 -5.90
CA CYS A 306 31.12 -9.32 -6.80
C CYS A 306 30.22 -8.10 -6.78
N VAL A 307 30.06 -7.46 -7.94
CA VAL A 307 29.20 -6.30 -8.07
C VAL A 307 27.85 -6.70 -8.66
N SER A 308 26.83 -6.74 -7.81
CA SER A 308 25.50 -7.17 -8.24
C SER A 308 24.51 -6.03 -8.26
N ASN A 309 23.50 -6.14 -9.12
CA ASN A 309 22.42 -5.16 -9.17
C ASN A 309 21.21 -5.66 -8.40
N ILE A 310 20.80 -4.91 -7.39
CA ILE A 310 19.60 -5.24 -6.64
C ILE A 310 18.37 -4.92 -7.47
N THR A 311 17.62 -5.95 -7.85
CA THR A 311 16.47 -5.78 -8.72
C THR A 311 15.15 -6.15 -8.04
N GLY A 312 15.23 -6.58 -6.79
CA GLY A 312 14.05 -6.97 -6.06
C GLY A 312 14.30 -7.20 -4.58
N ILE A 313 13.23 -7.20 -3.79
CA ILE A 313 13.33 -7.42 -2.35
C ILE A 313 12.26 -8.41 -1.89
N LEU A 314 12.67 -9.32 -1.00
CA LEU A 314 11.73 -10.28 -0.43
C LEU A 314 11.35 -9.84 0.99
N LEU A 315 10.05 -9.60 1.19
CA LEU A 315 9.56 -9.08 2.45
C LEU A 315 8.54 -9.98 3.12
N THR A 316 8.56 -10.00 4.45
CA THR A 316 7.55 -10.69 5.24
C THR A 316 6.91 -9.68 6.18
N ARG A 317 5.58 -9.64 6.20
CA ARG A 317 4.85 -8.66 6.98
C ARG A 317 4.46 -9.20 8.36
N ASP A 318 4.62 -8.38 9.38
CA ASP A 318 4.29 -8.76 10.75
C ASP A 318 2.78 -8.81 10.96
N GLY A 319 2.34 -9.75 11.78
CA GLY A 319 0.92 -9.89 12.10
C GLY A 319 0.57 -9.20 13.40
N GLY A 320 -0.73 -9.05 13.65
CA GLY A 320 -1.20 -8.42 14.87
C GLY A 320 -1.14 -6.90 14.81
N ALA A 321 -1.17 -6.36 13.60
CA ALA A 321 -1.12 -4.92 13.41
C ALA A 321 -2.44 -4.37 12.87
N ASN A 322 -3.48 -5.20 12.92
CA ASN A 322 -4.79 -4.80 12.41
C ASN A 322 -5.39 -3.63 13.17
N ASN A 323 -5.17 -3.61 14.48
CA ASN A 323 -5.71 -2.54 15.33
C ASN A 323 -4.78 -1.33 15.43
N THR A 324 -3.78 -1.28 14.56
CA THR A 324 -2.84 -0.17 14.54
C THR A 324 -2.72 0.43 13.14
N SER A 325 -2.17 1.63 13.07
CA SER A 325 -2.02 2.32 11.79
C SER A 325 -0.66 2.01 11.16
N ASN A 326 0.08 1.09 11.76
CA ASN A 326 1.39 0.71 11.25
C ASN A 326 1.41 -0.65 10.57
N GLU A 327 2.27 -0.79 9.55
CA GLU A 327 2.51 -2.06 8.90
C GLU A 327 4.01 -2.30 8.80
N THR A 328 4.50 -3.26 9.57
CA THR A 328 5.94 -3.54 9.62
C THR A 328 6.35 -4.62 8.64
N PHE A 329 7.34 -4.30 7.81
CA PHE A 329 7.86 -5.24 6.83
C PHE A 329 9.32 -5.57 7.11
N ARG A 330 9.65 -6.85 7.09
CA ARG A 330 11.01 -7.31 7.33
C ARG A 330 11.53 -8.10 6.15
N PRO A 331 12.84 -7.99 5.86
CA PRO A 331 13.44 -8.76 4.77
C PRO A 331 13.42 -10.25 5.09
N GLY A 332 12.99 -11.06 4.13
CA GLY A 332 12.87 -12.49 4.33
C GLY A 332 13.41 -13.32 3.17
N GLY A 333 13.03 -14.59 3.15
CA GLY A 333 13.47 -15.49 2.11
C GLY A 333 13.52 -16.93 2.60
N GLY A 334 14.30 -17.77 1.90
CA GLY A 334 14.42 -19.16 2.26
C GLY A 334 13.91 -20.09 1.18
N ASN A 335 12.75 -19.74 0.62
CA ASN A 335 12.18 -20.52 -0.47
C ASN A 335 12.65 -19.99 -1.82
N ILE A 336 13.72 -20.58 -2.35
CA ILE A 336 14.33 -20.13 -3.58
C ILE A 336 13.35 -20.13 -4.75
N LYS A 337 12.24 -20.85 -4.61
CA LYS A 337 11.22 -20.88 -5.64
C LYS A 337 10.67 -19.48 -5.91
N ASP A 338 10.56 -18.68 -4.85
CA ASP A 338 10.13 -17.30 -4.99
C ASP A 338 11.11 -16.54 -5.86
N ASN A 339 12.38 -16.92 -5.78
CA ASN A 339 13.42 -16.31 -6.61
C ASN A 339 13.15 -16.54 -8.09
N TRP A 340 12.76 -17.76 -8.44
CA TRP A 340 12.47 -18.10 -9.83
C TRP A 340 11.16 -17.46 -10.28
N ARG A 341 10.25 -17.25 -9.34
CA ARG A 341 8.97 -16.62 -9.65
C ARG A 341 9.13 -15.16 -10.05
N SER A 342 10.12 -14.49 -9.46
CA SER A 342 10.37 -13.09 -9.76
C SER A 342 10.82 -12.90 -11.21
N GLU A 343 11.00 -14.00 -11.92
CA GLU A 343 11.46 -13.95 -13.31
C GLU A 343 10.50 -14.70 -14.24
N LEU A 344 9.76 -15.66 -13.69
CA LEU A 344 8.88 -16.50 -14.48
C LEU A 344 7.40 -16.12 -14.31
N TYR A 345 7.15 -14.97 -13.69
CA TYR A 345 5.79 -14.56 -13.38
C TYR A 345 4.94 -14.30 -14.62
N LYS A 346 5.57 -13.84 -15.70
CA LYS A 346 4.85 -13.47 -16.91
C LYS A 346 4.72 -14.61 -17.91
N TYR A 347 5.07 -15.82 -17.49
CA TYR A 347 5.05 -16.97 -18.40
C TYR A 347 4.10 -18.06 -17.91
N LYS A 348 3.53 -18.80 -18.87
CA LYS A 348 2.72 -19.97 -18.57
C LYS A 348 2.69 -20.89 -19.78
N VAL A 349 2.65 -22.20 -19.53
CA VAL A 349 2.64 -23.18 -20.61
C VAL A 349 1.23 -23.63 -20.98
N VAL A 350 0.94 -23.65 -22.26
CA VAL A 350 -0.36 -24.13 -22.76
C VAL A 350 -0.16 -25.16 -23.86
N GLN A 351 -1.10 -26.09 -23.97
CA GLN A 351 -1.05 -27.12 -25.00
C GLN A 351 -1.90 -26.70 -26.20
N ILE A 352 -1.39 -26.94 -27.40
CA ILE A 352 -2.08 -26.55 -28.62
C ILE A 352 -2.64 -27.76 -29.38
N GLU A 353 -3.84 -27.59 -29.94
CA GLU A 353 -4.48 -28.66 -30.70
C GLU A 353 -5.28 -28.09 -31.87
N VAL B 1 -24.17 18.76 -26.27
CA VAL B 1 -24.91 19.64 -25.36
C VAL B 1 -25.35 18.88 -24.12
N TRP B 2 -25.16 19.49 -22.96
CA TRP B 2 -25.53 18.86 -21.69
C TRP B 2 -26.37 19.78 -20.82
N LYS B 3 -26.96 19.21 -19.77
CA LYS B 3 -27.76 19.98 -18.83
C LYS B 3 -27.69 19.34 -17.44
N ASP B 4 -27.80 20.18 -16.40
CA ASP B 4 -27.79 19.70 -15.04
C ASP B 4 -28.92 18.71 -14.79
N ALA B 5 -28.57 17.52 -14.34
CA ALA B 5 -29.57 16.48 -14.11
C ALA B 5 -29.14 15.51 -13.01
N ASP B 6 -30.10 14.80 -12.44
CA ASP B 6 -29.82 13.83 -11.38
C ASP B 6 -30.16 12.41 -11.84
N THR B 7 -29.25 11.48 -11.59
CA THR B 7 -29.46 10.09 -11.98
C THR B 7 -28.92 9.13 -10.93
N THR B 8 -29.22 7.85 -11.10
CA THR B 8 -28.75 6.82 -10.17
C THR B 8 -27.28 6.51 -10.42
N LEU B 9 -26.42 6.90 -9.48
CA LEU B 9 -25.00 6.67 -9.61
C LEU B 9 -24.61 5.28 -9.13
N PHE B 10 -23.48 4.77 -9.62
CA PHE B 10 -22.95 3.50 -9.15
C PHE B 10 -21.55 3.71 -8.59
N CYS B 11 -21.11 2.77 -7.74
CA CYS B 11 -19.82 2.92 -7.07
C CYS B 11 -18.77 1.96 -7.64
N ALA B 12 -17.50 2.30 -7.41
CA ALA B 12 -16.38 1.47 -7.86
C ALA B 12 -15.25 1.54 -6.85
N SER B 13 -14.61 0.40 -6.59
CA SER B 13 -13.52 0.33 -5.62
C SER B 13 -12.55 -0.80 -5.94
N ASP B 14 -11.56 -0.96 -5.07
CA ASP B 14 -10.59 -2.03 -5.21
C ASP B 14 -10.65 -2.98 -4.01
N ALA B 15 -11.86 -3.25 -3.55
CA ALA B 15 -12.08 -4.10 -2.39
C ALA B 15 -11.67 -5.55 -2.66
N LYS B 16 -11.55 -6.33 -1.60
CA LYS B 16 -11.19 -7.74 -1.71
C LYS B 16 -12.38 -8.64 -1.39
N ALA B 17 -12.50 -9.74 -2.13
CA ALA B 17 -13.64 -10.64 -1.97
C ALA B 17 -13.37 -11.74 -0.95
N HIS B 18 -12.42 -11.50 -0.05
CA HIS B 18 -12.09 -12.47 0.99
C HIS B 18 -12.00 -11.80 2.35
N GLU B 19 -11.87 -10.48 2.34
CA GLU B 19 -11.78 -9.70 3.56
C GLU B 19 -13.06 -9.79 4.39
N THR B 20 -12.89 -9.78 5.71
CA THR B 20 -14.03 -9.72 6.62
C THR B 20 -14.29 -8.26 7.00
N GLU B 21 -13.36 -7.39 6.63
CA GLU B 21 -13.49 -5.96 6.88
C GLU B 21 -14.77 -5.44 6.23
N VAL B 22 -15.63 -4.83 7.04
CA VAL B 22 -16.97 -4.40 6.60
C VAL B 22 -16.96 -3.60 5.30
N HIS B 23 -16.10 -2.60 5.23
CA HIS B 23 -16.03 -1.73 4.05
C HIS B 23 -15.72 -2.53 2.78
N ASN B 24 -14.77 -3.46 2.88
CA ASN B 24 -14.43 -4.32 1.75
C ASN B 24 -15.60 -5.20 1.34
N VAL B 25 -16.24 -5.80 2.32
CA VAL B 25 -17.39 -6.68 2.07
C VAL B 25 -18.50 -5.94 1.33
N TRP B 26 -18.87 -4.77 1.84
CA TRP B 26 -19.92 -3.96 1.24
C TRP B 26 -19.56 -3.56 -0.19
N ALA B 27 -18.32 -3.10 -0.37
CA ALA B 27 -17.85 -2.67 -1.68
C ALA B 27 -17.85 -3.83 -2.68
N THR B 28 -17.65 -5.03 -2.17
CA THR B 28 -17.64 -6.23 -3.01
C THR B 28 -19.05 -6.59 -3.48
N HIS B 29 -20.05 -6.20 -2.70
CA HIS B 29 -21.44 -6.54 -2.99
C HIS B 29 -22.16 -5.43 -3.75
N ALA B 30 -21.65 -4.20 -3.65
CA ALA B 30 -22.36 -3.05 -4.20
C ALA B 30 -21.57 -2.26 -5.24
N CYS B 31 -20.29 -2.59 -5.39
CA CYS B 31 -19.43 -1.83 -6.30
C CYS B 31 -18.79 -2.69 -7.38
N VAL B 32 -18.23 -2.03 -8.39
CA VAL B 32 -17.52 -2.71 -9.47
C VAL B 32 -16.06 -2.28 -9.46
N PRO B 33 -15.21 -3.05 -10.16
CA PRO B 33 -13.78 -2.75 -10.23
C PRO B 33 -13.52 -1.34 -10.77
N THR B 34 -12.45 -0.71 -10.29
CA THR B 34 -12.08 0.62 -10.75
C THR B 34 -11.50 0.56 -12.16
N ASP B 35 -11.40 1.71 -12.81
CA ASP B 35 -10.83 1.78 -14.15
C ASP B 35 -9.39 2.27 -14.07
N PRO B 36 -8.44 1.40 -14.46
CA PRO B 36 -7.01 1.70 -14.41
C PRO B 36 -6.63 2.85 -15.34
N ASN B 37 -7.42 3.06 -16.39
CA ASN B 37 -7.18 4.15 -17.33
C ASN B 37 -8.36 5.11 -17.40
N PRO B 38 -8.55 5.90 -16.34
CA PRO B 38 -9.67 6.86 -16.27
C PRO B 38 -9.57 7.94 -17.32
N GLN B 39 -10.59 8.05 -18.17
CA GLN B 39 -10.63 9.06 -19.20
C GLN B 39 -11.05 10.41 -18.62
N GLU B 40 -10.34 11.47 -19.01
CA GLU B 40 -10.66 12.81 -18.56
C GLU B 40 -10.49 13.82 -19.69
N ILE B 41 -11.59 14.49 -20.05
CA ILE B 41 -11.57 15.44 -21.15
C ILE B 41 -11.72 16.88 -20.66
N HIS B 42 -10.76 17.73 -21.01
CA HIS B 42 -10.82 19.13 -20.65
C HIS B 42 -11.75 19.91 -21.58
N LEU B 43 -12.64 20.70 -21.01
CA LEU B 43 -13.59 21.47 -21.79
C LEU B 43 -13.13 22.91 -21.95
N GLU B 44 -12.59 23.23 -23.12
CA GLU B 44 -12.08 24.58 -23.39
C GLU B 44 -13.20 25.59 -23.53
N ASN B 45 -12.98 26.80 -23.01
CA ASN B 45 -13.95 27.88 -23.10
C ASN B 45 -15.28 27.55 -22.44
N VAL B 46 -15.31 26.44 -21.70
CA VAL B 46 -16.53 26.01 -21.03
C VAL B 46 -16.56 26.47 -19.57
N THR B 47 -17.62 27.18 -19.20
CA THR B 47 -17.78 27.64 -17.83
C THR B 47 -19.08 27.13 -17.24
N GLU B 48 -18.98 26.38 -16.14
CA GLU B 48 -20.15 25.79 -15.50
C GLU B 48 -20.36 26.32 -14.09
N ASN B 49 -21.63 26.44 -13.70
CA ASN B 49 -21.98 26.89 -12.36
C ASN B 49 -22.14 25.70 -11.41
N PHE B 50 -21.41 25.74 -10.30
CA PHE B 50 -21.44 24.67 -9.32
C PHE B 50 -22.14 25.08 -8.03
N ASN B 51 -22.68 24.11 -7.31
CA ASN B 51 -23.32 24.35 -6.03
C ASN B 51 -23.19 23.13 -5.12
N MET B 52 -22.12 23.12 -4.32
CA MET B 52 -21.83 21.97 -3.46
C MET B 52 -22.91 21.71 -2.43
N TRP B 53 -23.76 22.71 -2.20
CA TRP B 53 -24.79 22.60 -1.18
C TRP B 53 -26.10 22.04 -1.74
N LYS B 54 -26.29 22.18 -3.04
CA LYS B 54 -27.43 21.55 -3.72
C LYS B 54 -26.94 20.49 -4.70
N ASN B 55 -26.31 19.45 -4.15
CA ASN B 55 -25.75 18.39 -4.97
C ASN B 55 -26.28 17.00 -4.57
N ASN B 56 -27.10 16.42 -5.44
CA ASN B 56 -27.72 15.13 -5.15
C ASN B 56 -26.69 14.01 -4.97
N MET B 57 -25.46 14.26 -5.39
CA MET B 57 -24.39 13.29 -5.22
C MET B 57 -24.11 13.03 -3.74
N VAL B 58 -24.37 14.05 -2.92
CA VAL B 58 -24.13 13.95 -1.48
C VAL B 58 -25.09 12.96 -0.83
N GLU B 59 -26.38 13.12 -1.10
CA GLU B 59 -27.40 12.24 -0.53
C GLU B 59 -27.13 10.78 -0.89
N GLN B 60 -26.76 10.52 -2.13
CA GLN B 60 -26.52 9.16 -2.60
C GLN B 60 -25.39 8.48 -1.83
N MET B 61 -24.30 9.21 -1.62
CA MET B 61 -23.19 8.68 -0.82
C MET B 61 -23.65 8.52 0.62
N GLN B 62 -24.48 9.44 1.08
CA GLN B 62 -25.07 9.38 2.42
C GLN B 62 -25.86 8.08 2.56
N GLU B 63 -26.63 7.74 1.53
CA GLU B 63 -27.44 6.54 1.54
C GLU B 63 -26.59 5.27 1.58
N ASP B 64 -25.45 5.30 0.91
CA ASP B 64 -24.53 4.17 0.90
C ASP B 64 -23.95 3.92 2.28
N VAL B 65 -23.32 4.94 2.85
CA VAL B 65 -22.70 4.84 4.15
C VAL B 65 -23.69 4.42 5.23
N ILE B 66 -24.93 4.90 5.10
CA ILE B 66 -26.00 4.52 6.02
C ILE B 66 -26.30 3.02 5.88
N SER B 67 -26.34 2.55 4.65
CA SER B 67 -26.59 1.14 4.38
C SER B 67 -25.44 0.28 4.93
N LEU B 68 -24.22 0.75 4.72
CA LEU B 68 -23.03 0.06 5.21
C LEU B 68 -23.06 -0.08 6.73
N TRP B 69 -23.28 1.04 7.41
CA TRP B 69 -23.31 1.06 8.87
C TRP B 69 -24.46 0.24 9.44
N ASP B 70 -25.62 0.29 8.78
CA ASP B 70 -26.79 -0.43 9.24
C ASP B 70 -26.62 -1.94 9.12
N GLN B 71 -25.69 -2.37 8.26
CA GLN B 71 -25.47 -3.78 8.02
C GLN B 71 -24.24 -4.31 8.75
N SER B 72 -23.33 -3.40 9.10
CA SER B 72 -22.05 -3.78 9.70
C SER B 72 -21.95 -3.41 11.18
N LEU B 73 -22.42 -2.22 11.52
CA LEU B 73 -22.31 -1.73 12.89
C LEU B 73 -23.63 -1.77 13.65
N GLN B 74 -24.13 -2.98 13.89
CA GLN B 74 -25.36 -3.15 14.66
C GLN B 74 -25.04 -3.31 16.15
N PRO B 75 -25.65 -2.45 16.98
CA PRO B 75 -25.41 -2.42 18.43
C PRO B 75 -26.09 -3.58 19.16
N CYS B 76 -25.79 -3.72 20.44
CA CYS B 76 -26.42 -4.76 21.25
C CYS B 76 -27.82 -4.32 21.67
N VAL B 77 -27.95 -3.04 22.01
CA VAL B 77 -29.24 -2.45 22.33
C VAL B 77 -29.48 -1.23 21.45
N LYS B 78 -30.67 -1.15 20.87
CA LYS B 78 -30.99 -0.08 19.94
C LYS B 78 -32.24 0.69 20.36
N LEU B 79 -32.06 1.99 20.60
CA LEU B 79 -33.18 2.85 20.99
C LEU B 79 -33.78 3.53 19.77
N THR B 80 -34.40 2.73 18.90
CA THR B 80 -35.00 3.24 17.67
C THR B 80 -36.07 4.29 17.96
N GLY B 81 -37.24 3.83 18.39
CA GLY B 81 -38.34 4.72 18.71
C GLY B 81 -39.68 4.19 18.26
N GLY B 82 -38.50 5.43 22.22
CA GLY B 82 -39.48 4.57 21.59
C GLY B 82 -39.35 3.13 22.04
N SER B 83 -39.35 2.21 21.07
CA SER B 83 -39.23 0.79 21.37
C SER B 83 -37.77 0.36 21.38
N VAL B 84 -37.37 -0.33 22.45
CA VAL B 84 -36.01 -0.80 22.59
C VAL B 84 -35.80 -2.15 21.91
N ILE B 85 -34.71 -2.26 21.15
CA ILE B 85 -34.39 -3.50 20.45
C ILE B 85 -33.02 -4.03 20.87
N LYS B 86 -32.94 -5.33 21.10
CA LYS B 86 -31.69 -5.96 21.53
C LYS B 86 -31.22 -7.02 20.53
N GLN B 87 -30.05 -6.79 19.94
CA GLN B 87 -29.46 -7.72 19.01
C GLN B 87 -28.06 -8.15 19.45
N ALA B 88 -27.40 -8.93 18.61
CA ALA B 88 -26.03 -9.36 18.89
C ALA B 88 -25.06 -8.22 18.62
N CYS B 89 -24.00 -8.15 19.41
CA CYS B 89 -23.02 -7.08 19.29
C CYS B 89 -21.61 -7.62 19.08
N PRO B 90 -21.39 -8.30 17.94
CA PRO B 90 -20.09 -8.88 17.62
C PRO B 90 -19.08 -7.83 17.17
N LYS B 91 -17.84 -7.93 17.63
CA LYS B 91 -16.78 -7.03 17.19
C LYS B 91 -16.50 -7.23 15.71
N ILE B 92 -16.12 -6.16 15.03
CA ILE B 92 -15.90 -6.23 13.59
C ILE B 92 -14.57 -5.60 13.19
N SER B 93 -14.17 -5.82 11.94
CA SER B 93 -12.99 -5.19 11.38
C SER B 93 -13.41 -3.94 10.63
N PHE B 94 -12.95 -2.78 11.10
CA PHE B 94 -13.41 -1.51 10.57
C PHE B 94 -12.26 -0.63 10.08
N ASP B 95 -12.22 -0.40 8.76
CA ASP B 95 -11.22 0.48 8.16
C ASP B 95 -11.68 0.93 6.78
N PRO B 96 -12.18 2.17 6.70
CA PRO B 96 -12.75 2.74 5.47
C PRO B 96 -11.80 2.65 4.28
N ILE B 97 -12.34 2.31 3.11
CA ILE B 97 -11.55 2.27 1.88
C ILE B 97 -12.12 3.25 0.86
N PRO B 98 -11.27 3.69 -0.09
CA PRO B 98 -11.67 4.64 -1.12
C PRO B 98 -12.86 4.14 -1.94
N ILE B 99 -13.84 5.01 -2.14
CA ILE B 99 -15.01 4.67 -2.94
C ILE B 99 -15.18 5.67 -4.08
N HIS B 100 -15.22 5.16 -5.31
CA HIS B 100 -15.41 6.00 -6.48
C HIS B 100 -16.88 6.03 -6.89
N TYR B 101 -17.42 7.23 -7.06
CA TYR B 101 -18.79 7.37 -7.53
C TYR B 101 -18.82 7.79 -9.00
N CYS B 102 -19.57 7.02 -9.80
CA CYS B 102 -19.56 7.20 -11.24
C CYS B 102 -20.97 7.37 -11.80
N THR B 103 -21.05 7.71 -13.09
CA THR B 103 -22.32 7.88 -13.76
C THR B 103 -22.50 6.85 -14.87
N PRO B 104 -23.74 6.41 -15.12
CA PRO B 104 -24.06 5.43 -16.15
C PRO B 104 -24.04 6.06 -17.54
N ALA B 105 -24.52 5.31 -18.54
CA ALA B 105 -24.55 5.80 -19.91
C ALA B 105 -25.49 6.99 -20.05
N GLY B 106 -25.11 7.96 -20.89
CA GLY B 106 -25.92 9.14 -21.11
C GLY B 106 -25.63 10.24 -20.10
N TYR B 107 -24.82 9.91 -19.10
CA TYR B 107 -24.46 10.88 -18.07
C TYR B 107 -22.96 10.97 -17.88
N VAL B 108 -22.49 12.14 -17.45
CA VAL B 108 -21.07 12.34 -17.15
C VAL B 108 -20.92 13.29 -15.97
N ILE B 109 -19.75 13.27 -15.35
CA ILE B 109 -19.49 14.13 -14.20
C ILE B 109 -18.56 15.29 -14.57
N LEU B 110 -19.09 16.51 -14.43
CA LEU B 110 -18.27 17.70 -14.64
C LEU B 110 -17.44 17.98 -13.40
N LYS B 111 -16.17 18.34 -13.61
CA LYS B 111 -15.26 18.55 -12.49
C LYS B 111 -14.61 19.93 -12.56
N CYS B 112 -14.86 20.75 -11.54
CA CYS B 112 -14.25 22.07 -11.45
C CYS B 112 -12.80 21.93 -10.99
N ASN B 113 -11.88 22.50 -11.77
CA ASN B 113 -10.46 22.36 -11.48
C ASN B 113 -9.79 23.67 -11.05
N ASP B 114 -10.60 24.63 -10.63
CA ASP B 114 -10.06 25.89 -10.11
C ASP B 114 -9.42 25.66 -8.75
N LYS B 115 -8.10 25.81 -8.68
CA LYS B 115 -7.35 25.53 -7.46
C LYS B 115 -7.77 26.43 -6.30
N ASN B 116 -8.63 27.40 -6.58
CA ASN B 116 -9.21 28.23 -5.53
C ASN B 116 -10.72 28.33 -5.67
N PHE B 117 -11.38 27.17 -5.58
CA PHE B 117 -12.82 27.09 -5.77
C PHE B 117 -13.53 26.80 -4.43
N ASN B 118 -14.38 27.73 -4.01
CA ASN B 118 -15.05 27.61 -2.73
C ASN B 118 -16.20 26.59 -2.74
N GLY B 119 -16.60 26.18 -3.92
CA GLY B 119 -17.67 25.19 -4.06
C GLY B 119 -18.96 25.80 -4.55
N THR B 120 -19.09 27.11 -4.45
CA THR B 120 -20.28 27.81 -4.90
C THR B 120 -19.94 28.83 -5.98
N GLY B 121 -20.70 28.80 -7.08
CA GLY B 121 -20.48 29.73 -8.17
C GLY B 121 -20.00 29.07 -9.44
N PRO B 122 -19.55 29.88 -10.41
CA PRO B 122 -19.07 29.41 -11.71
C PRO B 122 -17.66 28.83 -11.65
N CYS B 123 -17.30 28.05 -12.65
CA CYS B 123 -15.97 27.44 -12.73
C CYS B 123 -15.40 27.58 -14.14
N LYS B 124 -14.23 28.19 -14.24
CA LYS B 124 -13.60 28.45 -15.54
C LYS B 124 -12.89 27.22 -16.08
N ASN B 125 -12.23 26.48 -15.20
CA ASN B 125 -11.48 25.28 -15.60
C ASN B 125 -12.25 24.01 -15.33
N VAL B 126 -13.03 23.56 -16.31
CA VAL B 126 -13.88 22.40 -16.15
C VAL B 126 -13.38 21.21 -16.98
N SER B 127 -13.56 20.00 -16.46
CA SER B 127 -13.18 18.79 -17.15
C SER B 127 -14.27 17.73 -17.02
N SER B 128 -14.26 16.75 -17.92
CA SER B 128 -15.27 15.70 -17.93
C SER B 128 -14.68 14.35 -17.51
N VAL B 129 -15.30 13.73 -16.51
CA VAL B 129 -14.86 12.43 -16.02
C VAL B 129 -16.06 11.52 -15.73
N GLN B 130 -15.83 10.21 -15.76
CA GLN B 130 -16.89 9.24 -15.50
C GLN B 130 -17.04 9.00 -14.01
N CYS B 131 -15.92 8.82 -13.32
CA CYS B 131 -15.93 8.52 -11.89
C CYS B 131 -15.16 9.57 -11.10
N THR B 132 -15.58 9.80 -9.85
CA THR B 132 -14.88 10.71 -8.97
C THR B 132 -13.64 10.05 -8.40
N HIS B 133 -12.89 10.78 -7.59
CA HIS B 133 -11.68 10.23 -6.97
C HIS B 133 -12.06 9.33 -5.79
N GLY B 134 -11.08 8.57 -5.31
CA GLY B 134 -11.30 7.68 -4.19
C GLY B 134 -11.65 8.44 -2.92
N ILE B 135 -12.90 8.28 -2.47
CA ILE B 135 -13.37 8.99 -1.29
C ILE B 135 -13.68 8.03 -0.15
N LYS B 136 -12.89 8.11 0.92
CA LYS B 136 -13.12 7.29 2.10
C LYS B 136 -14.30 7.82 2.92
N PRO B 137 -15.30 6.96 3.15
CA PRO B 137 -16.50 7.33 3.91
C PRO B 137 -16.20 7.50 5.40
N VAL B 138 -15.30 8.43 5.72
CA VAL B 138 -14.90 8.66 7.10
C VAL B 138 -15.93 9.50 7.85
N VAL B 139 -16.57 8.89 8.85
CA VAL B 139 -17.58 9.58 9.64
C VAL B 139 -16.95 10.18 10.90
N SER B 140 -17.09 11.49 11.07
CA SER B 140 -16.54 12.18 12.23
C SER B 140 -17.20 13.53 12.45
N THR B 141 -16.79 14.23 13.50
CA THR B 141 -17.30 15.56 13.80
C THR B 141 -16.16 16.52 14.10
N GLN B 142 -16.42 17.81 13.92
CA GLN B 142 -15.42 18.85 14.18
C GLN B 142 -14.24 18.77 13.21
N LEU B 143 -13.56 17.64 13.21
CA LEU B 143 -12.37 17.46 12.37
C LEU B 143 -12.58 16.46 11.24
N LEU B 144 -12.17 16.83 10.04
CA LEU B 144 -12.25 15.94 8.89
C LEU B 144 -10.96 15.13 8.77
N LEU B 145 -11.09 13.81 8.67
CA LEU B 145 -9.93 12.93 8.70
C LEU B 145 -9.72 12.18 7.37
N ASN B 146 -8.46 11.92 7.05
CA ASN B 146 -8.08 11.16 5.86
C ASN B 146 -8.78 11.65 4.59
N GLY B 147 -9.03 12.95 4.50
CA GLY B 147 -9.68 13.52 3.35
C GLY B 147 -8.70 14.07 2.34
N SER B 148 -9.18 14.98 1.48
CA SER B 148 -8.34 15.61 0.48
C SER B 148 -7.97 17.04 0.89
N LEU B 149 -6.80 17.49 0.46
CA LEU B 149 -6.33 18.83 0.80
C LEU B 149 -6.56 19.80 -0.36
N ALA B 150 -6.63 21.09 -0.03
CA ALA B 150 -6.72 22.13 -1.06
C ALA B 150 -5.36 22.26 -1.76
N GLU B 151 -5.39 22.24 -3.08
CA GLU B 151 -4.16 22.25 -3.88
C GLU B 151 -3.41 23.58 -3.81
N GLU B 152 -4.07 24.61 -3.27
CA GLU B 152 -3.46 25.93 -3.21
C GLU B 152 -3.60 26.56 -1.82
N GLU B 153 -4.47 27.57 -1.72
CA GLU B 153 -4.70 28.23 -0.44
C GLU B 153 -5.81 27.56 0.35
N ILE B 154 -5.86 27.83 1.65
CA ILE B 154 -6.94 27.32 2.50
C ILE B 154 -8.27 27.88 2.03
N ILE B 155 -9.25 26.99 1.87
CA ILE B 155 -10.56 27.37 1.36
C ILE B 155 -11.62 27.39 2.45
N ILE B 156 -12.39 28.48 2.50
CA ILE B 156 -13.52 28.58 3.43
C ILE B 156 -14.82 28.34 2.67
N ARG B 157 -15.44 27.19 2.92
CA ARG B 157 -16.65 26.81 2.19
C ARG B 157 -17.89 26.98 3.05
N SER B 158 -18.89 27.67 2.50
CA SER B 158 -20.14 27.90 3.20
C SER B 158 -21.23 28.35 2.23
N GLU B 159 -22.46 27.92 2.49
CA GLU B 159 -23.59 28.28 1.65
C GLU B 159 -23.93 29.76 1.80
N ASN B 160 -23.53 30.34 2.93
CA ASN B 160 -23.77 31.75 3.21
C ASN B 160 -23.06 32.19 4.49
N LEU B 161 -21.84 32.69 4.34
CA LEU B 161 -21.02 33.09 5.49
C LEU B 161 -21.74 34.06 6.42
N THR B 162 -22.53 34.97 5.84
CA THR B 162 -23.27 35.94 6.63
C THR B 162 -24.37 35.25 7.44
N ASN B 163 -24.77 34.06 7.00
CA ASN B 163 -25.80 33.29 7.69
C ASN B 163 -25.18 32.39 8.76
N ASN B 164 -25.13 32.89 9.99
CA ASN B 164 -24.51 32.18 11.09
C ASN B 164 -25.17 30.84 11.41
N ALA B 165 -26.13 30.46 10.57
CA ALA B 165 -26.83 29.18 10.75
C ALA B 165 -26.24 28.11 9.84
N LYS B 166 -25.55 28.55 8.79
CA LYS B 166 -24.92 27.63 7.84
C LYS B 166 -23.55 27.17 8.35
N THR B 167 -23.29 25.88 8.22
CA THR B 167 -22.03 25.30 8.67
C THR B 167 -20.88 25.73 7.75
N ILE B 168 -19.72 25.99 8.36
CA ILE B 168 -18.54 26.38 7.59
C ILE B 168 -17.56 25.21 7.45
N ILE B 169 -17.17 24.93 6.22
CA ILE B 169 -16.23 23.85 5.95
C ILE B 169 -14.84 24.40 5.61
N VAL B 170 -13.90 24.25 6.52
CA VAL B 170 -12.54 24.70 6.29
C VAL B 170 -11.72 23.64 5.55
N HIS B 171 -11.18 24.00 4.39
CA HIS B 171 -10.38 23.09 3.61
C HIS B 171 -8.91 23.43 3.73
N LEU B 172 -8.17 22.59 4.43
CA LEU B 172 -6.75 22.82 4.67
C LEU B 172 -5.91 22.44 3.46
N ASN B 173 -4.77 23.10 3.29
CA ASN B 173 -3.84 22.78 2.21
C ASN B 173 -2.59 22.08 2.72
N LYS B 174 -2.59 21.76 4.02
CA LYS B 174 -1.51 21.01 4.63
C LYS B 174 -2.04 20.16 5.78
N SER B 175 -1.80 18.85 5.71
CA SER B 175 -2.32 17.92 6.71
C SER B 175 -1.64 18.05 8.06
N VAL B 176 -2.41 17.84 9.12
CA VAL B 176 -1.87 17.83 10.47
C VAL B 176 -2.23 16.50 11.14
N GLU B 177 -1.21 15.69 11.42
CA GLU B 177 -1.42 14.38 12.01
C GLU B 177 -2.09 14.43 13.38
N ILE B 178 -2.98 13.49 13.62
CA ILE B 178 -3.56 13.30 14.94
C ILE B 178 -3.39 11.84 15.36
N ASN B 179 -2.59 11.63 16.40
CA ASN B 179 -2.24 10.28 16.83
C ASN B 179 -3.03 9.83 18.06
N CYS B 180 -4.10 9.08 17.82
CA CYS B 180 -4.98 8.63 18.89
C CYS B 180 -4.67 7.18 19.27
N THR B 181 -4.60 6.91 20.57
CA THR B 181 -4.22 5.59 21.06
C THR B 181 -4.96 5.18 22.32
N ARG B 182 -5.26 3.89 22.43
CA ARG B 182 -5.81 3.32 23.65
C ARG B 182 -4.89 2.19 24.09
N PRO B 183 -3.93 2.52 24.97
CA PRO B 183 -2.87 1.58 25.39
C PRO B 183 -3.42 0.25 25.89
N SER B 184 -2.61 -0.80 25.78
CA SER B 184 -3.02 -2.14 26.19
C SER B 184 -3.22 -2.21 27.71
N ASN B 185 -2.28 -1.66 28.46
CA ASN B 185 -2.38 -1.66 29.92
C ASN B 185 -2.21 -0.26 30.51
N GLY B 192 -5.74 0.31 34.70
CA GLY B 192 -6.41 1.59 34.60
C GLY B 192 -7.81 1.48 34.03
N ASP B 193 -8.22 2.49 33.27
CA ASP B 193 -9.54 2.50 32.67
C ASP B 193 -9.49 2.06 31.22
N ILE B 194 -10.27 1.02 30.89
CA ILE B 194 -10.27 0.46 29.54
C ILE B 194 -10.89 1.41 28.52
N ARG B 195 -11.49 2.49 29.00
CA ARG B 195 -12.16 3.43 28.11
C ARG B 195 -11.39 4.74 27.96
N LYS B 196 -10.33 4.91 28.76
CA LYS B 196 -9.51 6.11 28.70
C LYS B 196 -8.48 6.04 27.58
N ALA B 197 -8.57 6.98 26.65
CA ALA B 197 -7.62 7.06 25.55
C ALA B 197 -7.11 8.50 25.40
N TYR B 198 -6.34 8.75 24.35
CA TYR B 198 -5.77 10.07 24.13
C TYR B 198 -5.29 10.25 22.69
N CYS B 199 -5.32 11.51 22.23
CA CYS B 199 -4.83 11.84 20.89
C CYS B 199 -3.71 12.88 20.99
N GLU B 200 -2.58 12.58 20.36
CA GLU B 200 -1.45 13.48 20.38
C GLU B 200 -1.32 14.26 19.07
N ILE B 201 -1.11 15.56 19.18
CA ILE B 201 -0.96 16.43 18.01
C ILE B 201 0.21 17.39 18.21
N ASN B 202 1.01 17.56 17.16
CA ASN B 202 2.14 18.48 17.22
C ASN B 202 1.68 19.93 17.26
N GLY B 203 1.84 20.57 18.42
CA GLY B 203 1.39 21.94 18.61
C GLY B 203 2.07 22.91 17.66
N THR B 204 3.25 22.55 17.17
CA THR B 204 3.99 23.39 16.25
C THR B 204 3.33 23.42 14.88
N LYS B 205 2.66 22.33 14.52
CA LYS B 205 2.05 22.21 13.20
C LYS B 205 0.55 22.53 13.25
N TRP B 206 0.00 22.61 14.45
CA TRP B 206 -1.42 22.90 14.62
C TRP B 206 -1.68 24.39 14.76
N ASN B 207 -1.04 25.02 15.73
CA ASN B 207 -1.21 26.45 15.97
C ASN B 207 -0.88 27.28 14.73
N LYS B 208 0.07 26.80 13.94
CA LYS B 208 0.44 27.47 12.71
C LYS B 208 -0.69 27.42 11.69
N VAL B 209 -1.23 26.22 11.47
CA VAL B 209 -2.34 26.04 10.55
C VAL B 209 -3.58 26.79 11.04
N LEU B 210 -3.83 26.70 12.35
CA LEU B 210 -4.96 27.40 12.93
C LEU B 210 -4.82 28.90 12.75
N LYS B 211 -3.58 29.39 12.79
CA LYS B 211 -3.30 30.80 12.55
C LYS B 211 -3.67 31.18 11.12
N GLN B 212 -3.19 30.40 10.15
CA GLN B 212 -3.52 30.63 8.76
C GLN B 212 -5.02 30.61 8.54
N VAL B 213 -5.70 29.73 9.27
CA VAL B 213 -7.16 29.67 9.22
C VAL B 213 -7.76 30.93 9.82
N THR B 214 -7.11 31.42 10.88
CA THR B 214 -7.56 32.64 11.54
C THR B 214 -7.52 33.83 10.60
N GLU B 215 -6.40 34.02 9.92
CA GLU B 215 -6.22 35.12 9.00
C GLU B 215 -7.12 34.96 7.77
N LYS B 216 -7.35 33.72 7.35
CA LYS B 216 -8.20 33.43 6.22
C LYS B 216 -9.63 33.84 6.50
N LEU B 217 -10.02 33.75 7.76
CA LEU B 217 -11.37 34.16 8.18
C LEU B 217 -11.47 35.67 8.25
N LYS B 218 -10.34 36.33 8.51
CA LYS B 218 -10.31 37.79 8.55
C LYS B 218 -10.60 38.37 7.18
N GLU B 219 -10.33 37.58 6.14
CA GLU B 219 -10.54 38.02 4.77
C GLU B 219 -12.02 38.02 4.40
N HIS B 220 -12.79 37.17 5.07
CA HIS B 220 -14.22 37.05 4.80
C HIS B 220 -15.07 37.76 5.85
N PHE B 221 -14.41 38.49 6.75
CA PHE B 221 -15.10 39.22 7.80
C PHE B 221 -14.48 40.59 8.04
N ASN B 222 -13.74 41.09 7.06
CA ASN B 222 -13.18 42.44 7.11
C ASN B 222 -12.28 42.68 8.32
N ASN B 223 -11.04 42.20 8.23
CA ASN B 223 -10.04 42.41 9.27
C ASN B 223 -10.62 42.39 10.68
N LYS B 224 -11.63 41.54 10.89
CA LYS B 224 -12.30 41.46 12.18
C LYS B 224 -11.62 40.44 13.08
N THR B 225 -11.59 40.72 14.38
CA THR B 225 -10.95 39.84 15.34
C THR B 225 -11.62 38.47 15.39
N ILE B 226 -10.84 37.43 15.07
CA ILE B 226 -11.36 36.06 15.08
C ILE B 226 -11.06 35.37 16.40
N ILE B 227 -12.08 34.77 17.00
CA ILE B 227 -11.94 34.09 18.28
C ILE B 227 -12.41 32.64 18.20
N PHE B 228 -11.68 31.75 18.85
CA PHE B 228 -12.03 30.34 18.88
C PHE B 228 -12.39 29.88 20.29
N GLN B 229 -13.53 29.23 20.43
CA GLN B 229 -13.96 28.68 21.71
C GLN B 229 -14.66 27.33 21.51
N PRO B 230 -14.68 26.51 22.57
CA PRO B 230 -15.33 25.19 22.52
C PRO B 230 -16.84 25.32 22.39
N PRO B 231 -17.49 24.30 21.81
CA PRO B 231 -18.94 24.28 21.61
C PRO B 231 -19.69 24.65 22.89
N SER B 232 -20.73 25.49 22.75
CA SER B 232 -21.50 25.93 23.90
C SER B 232 -22.67 24.99 24.20
N GLY B 233 -22.36 23.85 24.78
CA GLY B 233 -23.38 22.87 25.15
C GLY B 233 -23.88 22.07 23.97
N GLY B 234 -24.55 20.97 24.25
CA GLY B 234 -25.07 20.10 23.21
C GLY B 234 -24.72 18.64 23.43
N ASP B 235 -24.94 17.82 22.40
CA ASP B 235 -24.63 16.41 22.49
C ASP B 235 -23.14 16.17 22.41
N LEU B 236 -22.68 15.10 23.04
CA LEU B 236 -21.25 14.78 23.09
C LEU B 236 -20.63 14.63 21.70
N GLU B 237 -21.41 14.09 20.77
CA GLU B 237 -20.93 13.88 19.41
C GLU B 237 -20.64 15.21 18.72
N ILE B 238 -21.20 16.28 19.25
CA ILE B 238 -21.03 17.61 18.66
C ILE B 238 -20.01 18.44 19.44
N THR B 239 -20.06 18.32 20.76
CA THR B 239 -19.17 19.10 21.63
C THR B 239 -17.76 18.52 21.67
N MET B 240 -17.65 17.23 21.32
CA MET B 240 -16.36 16.55 21.32
C MET B 240 -16.02 16.02 19.93
N HIS B 241 -14.73 15.80 19.68
CA HIS B 241 -14.30 15.20 18.42
C HIS B 241 -14.65 13.71 18.40
N SER B 242 -15.74 13.37 17.71
CA SER B 242 -16.19 12.00 17.64
C SER B 242 -15.76 11.32 16.34
N PHE B 243 -15.40 10.04 16.45
CA PHE B 243 -14.98 9.26 15.29
C PHE B 243 -14.89 7.78 15.65
N ASN B 244 -14.82 6.93 14.63
CA ASN B 244 -14.73 5.50 14.86
C ASN B 244 -13.33 4.96 14.55
N CYS B 245 -12.69 4.36 15.55
CA CYS B 245 -11.35 3.83 15.40
C CYS B 245 -11.34 2.33 15.68
N ARG B 246 -11.08 1.54 14.64
CA ARG B 246 -11.04 0.09 14.76
C ARG B 246 -12.37 -0.45 15.29
N GLY B 247 -13.47 0.14 14.83
CA GLY B 247 -14.79 -0.26 15.27
C GLY B 247 -15.24 0.43 16.54
N GLU B 248 -14.27 0.81 17.36
CA GLU B 248 -14.56 1.48 18.63
C GLU B 248 -14.88 2.96 18.42
N PHE B 249 -15.75 3.49 19.27
CA PHE B 249 -16.18 4.89 19.15
C PHE B 249 -15.37 5.80 20.07
N PHE B 250 -14.66 6.76 19.47
CA PHE B 250 -13.81 7.67 20.22
C PHE B 250 -14.44 9.04 20.40
N TYR B 251 -14.37 9.54 21.63
CA TYR B 251 -14.83 10.89 21.95
C TYR B 251 -13.67 11.67 22.58
N CYS B 252 -13.16 12.67 21.86
CA CYS B 252 -11.98 13.40 22.32
C CYS B 252 -12.27 14.87 22.59
N ASN B 253 -11.92 15.32 23.80
CA ASN B 253 -12.07 16.71 24.19
C ASN B 253 -11.08 17.60 23.43
N THR B 254 -11.61 18.56 22.68
CA THR B 254 -10.77 19.40 21.83
C THR B 254 -10.69 20.83 22.32
N THR B 255 -10.79 21.03 23.63
CA THR B 255 -10.72 22.37 24.21
C THR B 255 -9.30 22.93 24.11
N GLN B 256 -8.33 22.06 23.90
CA GLN B 256 -6.93 22.47 23.81
C GLN B 256 -6.56 22.89 22.39
N LEU B 257 -7.40 22.54 21.43
CA LEU B 257 -7.13 22.84 20.02
C LEU B 257 -7.77 24.16 19.59
N PHE B 258 -8.66 24.69 20.41
CA PHE B 258 -9.40 25.89 20.06
C PHE B 258 -9.39 26.95 21.16
N ASN B 259 -8.21 27.23 21.70
CA ASN B 259 -8.05 28.29 22.68
C ASN B 259 -7.11 29.39 22.18
N ASN B 260 -7.65 30.59 22.02
CA ASN B 260 -6.92 31.70 21.43
C ASN B 260 -5.64 32.07 22.17
N THR B 261 -5.66 31.97 23.48
CA THR B 261 -4.51 32.33 24.30
C THR B 261 -3.24 31.64 23.86
N CYS B 262 -3.37 30.41 23.37
CA CYS B 262 -2.21 29.63 22.94
C CYS B 262 -1.85 29.93 21.49
N ILE B 263 -2.79 30.49 20.74
CA ILE B 263 -2.57 30.82 19.34
C ILE B 263 -1.52 31.92 19.19
N ASN B 272 3.29 24.76 21.45
CA ASN B 272 4.59 24.43 20.88
C ASN B 272 4.91 22.94 20.99
N GLY B 273 4.70 22.38 22.18
CA GLY B 273 4.97 20.98 22.42
C GLY B 273 3.87 20.07 21.89
N THR B 274 3.86 18.83 22.38
CA THR B 274 2.85 17.86 21.96
C THR B 274 1.52 18.07 22.69
N ILE B 275 0.47 18.31 21.93
CA ILE B 275 -0.86 18.51 22.50
C ILE B 275 -1.54 17.17 22.74
N THR B 276 -1.73 16.83 24.01
CA THR B 276 -2.38 15.57 24.37
C THR B 276 -3.85 15.78 24.71
N LEU B 277 -4.73 15.34 23.82
CA LEU B 277 -6.17 15.47 24.03
C LEU B 277 -6.73 14.24 24.73
N PRO B 278 -7.36 14.46 25.89
CA PRO B 278 -7.99 13.36 26.64
C PRO B 278 -9.20 12.85 25.88
N CYS B 279 -9.35 11.53 25.79
CA CYS B 279 -10.45 10.94 25.04
C CYS B 279 -11.08 9.78 25.81
N LYS B 280 -12.18 9.25 25.27
CA LYS B 280 -12.86 8.12 25.89
C LYS B 280 -13.66 7.34 24.85
N ILE B 281 -13.70 6.02 25.02
CA ILE B 281 -14.45 5.15 24.12
C ILE B 281 -15.84 4.89 24.67
N LYS B 282 -16.83 5.57 24.11
CA LYS B 282 -18.21 5.45 24.57
C LYS B 282 -18.92 4.26 23.94
N GLN B 283 -19.76 3.60 24.73
CA GLN B 283 -20.55 2.48 24.24
C GLN B 283 -21.94 2.96 23.81
N ILE B 284 -22.43 3.99 24.47
CA ILE B 284 -23.73 4.57 24.13
C ILE B 284 -23.53 5.77 23.21
N ILE B 285 -24.13 5.71 22.03
CA ILE B 285 -23.92 6.74 21.02
C ILE B 285 -25.22 7.28 20.44
N ASN B 286 -25.22 8.57 20.10
CA ASN B 286 -26.30 9.17 19.36
C ASN B 286 -26.09 8.97 17.86
N MET B 287 -26.83 8.02 17.29
CA MET B 287 -26.65 7.65 15.90
C MET B 287 -26.72 8.86 14.96
N TRP B 288 -25.74 8.96 14.06
CA TRP B 288 -25.69 10.05 13.11
C TRP B 288 -26.72 9.86 12.00
N GLN B 289 -27.30 8.67 11.93
CA GLN B 289 -28.36 8.38 10.97
C GLN B 289 -29.64 9.12 11.36
N GLY B 290 -29.70 9.56 12.61
CA GLY B 290 -30.85 10.28 13.11
C GLY B 290 -31.88 9.36 13.72
N THR B 291 -31.65 8.06 13.61
CA THR B 291 -32.57 7.05 14.12
C THR B 291 -32.77 7.16 15.63
N GLY B 292 -31.72 7.59 16.33
CA GLY B 292 -31.80 7.76 17.77
C GLY B 292 -30.52 7.42 18.51
N GLN B 293 -30.62 6.47 19.44
CA GLN B 293 -29.51 6.11 20.31
C GLN B 293 -29.21 4.62 20.24
N ALA B 294 -27.96 4.25 20.51
CA ALA B 294 -27.54 2.85 20.45
C ALA B 294 -26.37 2.56 21.37
N MET B 295 -26.34 1.36 21.94
CA MET B 295 -25.26 0.94 22.83
C MET B 295 -24.50 -0.24 22.26
N TYR B 296 -23.16 -0.20 22.38
CA TYR B 296 -22.31 -1.28 21.92
C TYR B 296 -21.61 -1.97 23.08
N ALA B 297 -20.81 -2.98 22.77
CA ALA B 297 -20.09 -3.72 23.79
C ALA B 297 -18.78 -3.03 24.18
N PRO B 298 -18.24 -3.37 25.35
CA PRO B 298 -16.98 -2.80 25.86
C PRO B 298 -15.86 -2.94 24.84
N PRO B 299 -14.87 -2.02 24.91
CA PRO B 299 -13.74 -1.99 23.98
C PRO B 299 -12.99 -3.32 23.93
N ILE B 300 -12.31 -3.58 22.82
CA ILE B 300 -11.55 -4.81 22.64
C ILE B 300 -10.21 -4.72 23.36
N ASP B 301 -9.63 -5.87 23.67
CA ASP B 301 -8.35 -5.93 24.38
C ASP B 301 -7.19 -5.54 23.47
N GLY B 302 -6.08 -5.15 24.08
CA GLY B 302 -4.87 -4.83 23.33
C GLY B 302 -4.73 -3.36 23.00
N LYS B 303 -3.78 -3.06 22.13
CA LYS B 303 -3.49 -1.69 21.72
C LYS B 303 -4.41 -1.25 20.58
N ILE B 304 -5.13 -0.16 20.79
CA ILE B 304 -6.02 0.40 19.78
C ILE B 304 -5.52 1.76 19.33
N ASN B 305 -5.04 1.84 18.09
CA ASN B 305 -4.43 3.06 17.59
C ASN B 305 -4.96 3.52 16.23
N CYS B 306 -5.14 4.82 16.07
CA CYS B 306 -5.56 5.40 14.80
C CYS B 306 -4.82 6.72 14.54
N VAL B 307 -4.02 6.74 13.48
CA VAL B 307 -3.33 7.95 13.07
C VAL B 307 -3.94 8.48 11.78
N SER B 308 -4.46 9.70 11.82
CA SER B 308 -5.15 10.27 10.68
C SER B 308 -4.66 11.67 10.35
N ASN B 309 -4.91 12.11 9.12
CA ASN B 309 -4.58 13.46 8.69
C ASN B 309 -5.77 14.40 8.84
N ILE B 310 -5.59 15.46 9.62
CA ILE B 310 -6.63 16.47 9.77
C ILE B 310 -6.64 17.37 8.54
N THR B 311 -7.52 17.06 7.59
CA THR B 311 -7.56 17.77 6.31
C THR B 311 -8.64 18.83 6.26
N GLY B 312 -9.58 18.78 7.19
CA GLY B 312 -10.67 19.73 7.22
C GLY B 312 -11.21 20.00 8.61
N ILE B 313 -11.97 21.09 8.74
CA ILE B 313 -12.57 21.45 10.03
C ILE B 313 -13.99 21.94 9.83
N LEU B 314 -14.89 21.51 10.71
CA LEU B 314 -16.28 21.94 10.67
C LEU B 314 -16.55 22.99 11.75
N LEU B 315 -16.81 24.21 11.34
CA LEU B 315 -16.99 25.32 12.28
C LEU B 315 -18.39 25.92 12.23
N THR B 316 -18.85 26.42 13.37
CA THR B 316 -20.12 27.14 13.46
C THR B 316 -19.87 28.50 14.07
N ARG B 317 -20.44 29.53 13.46
CA ARG B 317 -20.23 30.91 13.90
C ARG B 317 -21.34 31.38 14.83
N ASP B 318 -20.99 32.28 15.75
CA ASP B 318 -21.95 32.83 16.69
C ASP B 318 -22.67 34.04 16.13
N GLY B 319 -23.89 34.28 16.60
CA GLY B 319 -24.67 35.43 16.18
C GLY B 319 -24.60 36.54 17.20
N GLY B 320 -25.17 37.69 16.85
CA GLY B 320 -25.17 38.84 17.73
C GLY B 320 -23.78 39.40 17.96
N ALA B 321 -23.06 39.64 16.86
CA ALA B 321 -21.71 40.19 16.94
C ALA B 321 -21.46 41.18 15.81
N ASN B 322 -22.54 41.58 15.13
CA ASN B 322 -22.44 42.52 14.01
C ASN B 322 -22.00 43.90 14.47
N ASN B 323 -22.29 44.23 15.72
CA ASN B 323 -21.92 45.53 16.28
C ASN B 323 -20.50 45.54 16.82
N THR B 324 -20.09 44.42 17.41
CA THR B 324 -18.75 44.30 17.98
C THR B 324 -17.72 44.00 16.90
N SER B 325 -16.57 43.49 17.32
CA SER B 325 -15.50 43.14 16.38
C SER B 325 -15.03 41.70 16.63
N ASN B 326 -15.82 40.95 17.39
CA ASN B 326 -15.46 39.59 17.75
C ASN B 326 -16.40 38.54 17.14
N GLU B 327 -15.94 37.87 16.09
CA GLU B 327 -16.69 36.78 15.49
C GLU B 327 -16.18 35.44 16.01
N THR B 328 -16.77 34.97 17.10
CA THR B 328 -16.34 33.73 17.74
C THR B 328 -16.76 32.50 16.93
N PHE B 329 -15.81 31.63 16.66
CA PHE B 329 -16.09 30.41 15.90
C PHE B 329 -15.92 29.18 16.79
N ARG B 330 -16.80 28.21 16.63
CA ARG B 330 -16.74 26.97 17.39
C ARG B 330 -16.82 25.76 16.46
N PRO B 331 -16.13 24.66 16.82
CA PRO B 331 -16.14 23.43 16.03
C PRO B 331 -17.50 22.76 16.06
N GLY B 332 -18.18 22.74 14.92
CA GLY B 332 -19.50 22.16 14.83
C GLY B 332 -19.49 20.66 14.55
N GLY B 333 -20.34 20.23 13.62
CA GLY B 333 -20.45 18.83 13.29
C GLY B 333 -21.85 18.31 13.53
N GLY B 334 -22.08 17.05 13.20
CA GLY B 334 -23.39 16.43 13.37
C GLY B 334 -23.97 15.96 12.06
N ASN B 335 -24.13 16.88 11.11
CA ASN B 335 -24.63 16.54 9.79
C ASN B 335 -23.54 15.90 8.94
N ILE B 336 -23.51 14.58 8.91
CA ILE B 336 -22.47 13.84 8.19
C ILE B 336 -22.48 14.15 6.70
N LYS B 337 -23.60 14.65 6.20
CA LYS B 337 -23.71 15.02 4.80
C LYS B 337 -22.64 16.05 4.45
N ASP B 338 -22.34 16.93 5.40
CA ASP B 338 -21.29 17.92 5.22
C ASP B 338 -19.94 17.23 5.03
N ASN B 339 -19.80 16.03 5.61
CA ASN B 339 -18.58 15.26 5.49
C ASN B 339 -18.39 14.69 4.09
N TRP B 340 -19.47 14.62 3.33
CA TRP B 340 -19.41 14.13 1.95
C TRP B 340 -19.27 15.30 0.98
N ARG B 341 -19.68 16.49 1.43
CA ARG B 341 -19.60 17.69 0.60
C ARG B 341 -18.18 18.21 0.43
N SER B 342 -17.35 18.04 1.46
CA SER B 342 -15.97 18.52 1.43
C SER B 342 -15.15 17.79 0.38
N GLU B 343 -15.71 16.70 -0.17
CA GLU B 343 -15.01 15.92 -1.19
C GLU B 343 -15.73 16.00 -2.54
N LEU B 344 -17.05 16.09 -2.49
CA LEU B 344 -17.86 16.13 -3.71
C LEU B 344 -18.14 17.57 -4.15
N TYR B 345 -17.53 18.53 -3.48
CA TYR B 345 -17.79 19.94 -3.74
C TYR B 345 -17.50 20.35 -5.18
N LYS B 346 -16.59 19.64 -5.82
CA LYS B 346 -16.16 20.01 -7.18
C LYS B 346 -16.74 19.10 -8.26
N TYR B 347 -17.80 18.38 -7.92
CA TYR B 347 -18.44 17.47 -8.87
C TYR B 347 -19.92 17.78 -9.05
N LYS B 348 -20.44 17.50 -10.24
CA LYS B 348 -21.87 17.63 -10.51
C LYS B 348 -22.26 16.79 -11.73
N VAL B 349 -23.41 16.14 -11.64
CA VAL B 349 -23.87 15.27 -12.71
C VAL B 349 -24.63 16.04 -13.80
N VAL B 350 -24.29 15.75 -15.05
CA VAL B 350 -24.98 16.35 -16.19
C VAL B 350 -25.38 15.28 -17.19
N GLN B 351 -26.52 15.48 -17.85
CA GLN B 351 -27.01 14.51 -18.82
C GLN B 351 -26.69 14.91 -20.25
N ILE B 352 -26.31 13.94 -21.06
CA ILE B 352 -25.99 14.17 -22.46
C ILE B 352 -27.15 13.74 -23.35
N GLU B 353 -27.14 14.18 -24.60
CA GLU B 353 -28.20 13.83 -25.55
C GLU B 353 -28.35 12.32 -25.68
#